data_1N94
#
_entry.id   1N94
#
_cell.length_a   172.106
_cell.length_b   172.106
_cell.length_c   69.404
_cell.angle_alpha   90
_cell.angle_beta   90
_cell.angle_gamma   120
#
_symmetry.space_group_name_H-M   'P 61'
#
loop_
_entity.id
_entity.type
_entity.pdbx_description
1 polymer 'Protein farnesyltransferase alpha subunit'
2 polymer 'Protein farnesyltransferase beta subunit'
3 non-polymer 'ALPHA-HYDROXYFARNESYLPHOSPHONIC ACID'
4 non-polymer "2-{(5-{[BUTYL-(2-CYCLOHEXYL-ETHYL)-AMINO]-METHYL}-2'-METHYL-BIPHENYL-2-CARBONYL)-AMINO]-4-METHYLSULFANYL-BUTYRIC ACID"
5 non-polymer 'ZINC ION'
#
loop_
_entity_poly.entity_id
_entity_poly.type
_entity_poly.pdbx_seq_one_letter_code
_entity_poly.pdbx_strand_id
1 'polypeptide(L)'
;FLSLDSPTYVLYRDRAEWADIDPVPQNDGPSPVVQIIYSEKFRDVYDYFRAVLQRDERSERAFKLTRDAIELNAANYTVW
HFRRVLLRSLQKDLQEEMNYIIAIIEEQPKNYQVWHHRRVLVEWLKDPSQELEFIADILNQDAKNYHAWQHRQWVIQEFR
LWDNELQYVDQLLKEDVRNNSVWNQRHFVISNTTGYSDRAVLEREVQYTLEMIKLVPHNESAWNYLKGILQDRGLSRYPN
LLNQLLDLQPSHSSPYLIAFLVDIYEDMLENQCDNKEDILNKALELCEILAKEKDTIRKEYWRYIGRSLQSKHSR
;
A
2 'polypeptide(L)'
;PLYSLRPEHARERLQDDSVETVTSIEQAKVEEKIQEVFSSYKFNHLVPRLVLQREKHFHYLKRGLRQLTDAYECLDASRP
WLCYWILHSLELLDEPIPQIVATDVCQFLELCQSPDGGFGGGPGQYPHLAPTYAAVNALCIIGTEEAYNVINREKLLQYL
YSLKQPDGSFLMHVGGEVDVRSAYCAASVASLTNIITPDLFEGTAEWIARCQNWEGGIGGVPGMEAHGGYTFCGLAALVI
LKKERSLNLKSLLQWVTSRQMRFEGGFQGRCNKLVDGCYSFWQAGLLPLLHRALHAQGDPALSMSHWMFHQQALQEYILM
CCQCPAGGLLDKPGKSRDFYHTCYCLSGLSIAQHFGSGAMLHDVVMGVPENVLQPTHPVYNIGPDKVIQATTHFLQK
;
B
#
loop_
_chem_comp.id
_chem_comp.type
_chem_comp.name
_chem_comp.formula
HFP non-polymer 'ALPHA-HYDROXYFARNESYLPHOSPHONIC ACID' 'C15 H33 O4 P'
TIN non-polymer '2-{(5-{[BUTYL-(2-CYCLOHEXYL-ETHYL)-AMINO]-METHYL}-2'-METHYL-BIPHENYL-2-CARBONYL)-AMINO]-4-METHYLSULFANYL-BUTYRIC ACID' 'C32 H46 N2 O3 S'
ZN non-polymer 'ZINC ION' 'Zn 2'
#
# COMPACT_ATOMS: atom_id res chain seq x y z
N PHE A 1 38.97 -6.81 0.36
CA PHE A 1 38.73 -7.28 1.76
C PHE A 1 38.07 -6.21 2.64
N LEU A 2 38.27 -4.94 2.29
CA LEU A 2 37.73 -3.82 3.06
C LEU A 2 36.21 -3.70 3.23
N SER A 3 35.79 -2.48 3.52
CA SER A 3 34.40 -2.09 3.71
C SER A 3 34.26 -0.68 3.16
N LEU A 4 33.03 -0.21 3.07
CA LEU A 4 32.78 1.11 2.51
C LEU A 4 32.89 2.16 3.60
N ASP A 5 32.86 1.70 4.83
CA ASP A 5 32.91 2.60 5.95
C ASP A 5 34.29 2.67 6.59
N SER A 6 35.15 1.70 6.31
CA SER A 6 36.49 1.73 6.88
C SER A 6 37.18 2.99 6.41
N PRO A 7 37.94 3.65 7.31
CA PRO A 7 38.65 4.89 6.96
C PRO A 7 39.64 4.68 5.80
N THR A 8 40.30 3.53 5.84
CA THR A 8 41.29 3.15 4.84
C THR A 8 40.66 2.78 3.48
N TYR A 9 39.37 3.07 3.33
CA TYR A 9 38.66 2.79 2.08
C TYR A 9 39.12 3.75 0.99
N VAL A 10 39.32 3.20 -0.21
CA VAL A 10 39.76 3.99 -1.36
C VAL A 10 38.82 3.81 -2.54
N LEU A 11 38.62 4.87 -3.32
CA LEU A 11 37.76 4.78 -4.50
C LEU A 11 38.30 3.65 -5.37
N TYR A 12 37.62 3.31 -6.46
CA TYR A 12 38.13 2.22 -7.27
C TYR A 12 39.14 2.63 -8.33
N ARG A 13 39.02 3.83 -8.84
CA ARG A 13 39.97 4.28 -9.85
C ARG A 13 41.35 4.28 -9.20
N ASP A 14 41.39 4.69 -7.93
CA ASP A 14 42.63 4.76 -7.16
C ASP A 14 43.09 3.38 -6.72
N ARG A 15 42.60 2.33 -7.37
CA ARG A 15 42.99 0.97 -7.01
C ARG A 15 43.73 0.20 -8.09
N ALA A 16 44.57 -0.74 -7.67
CA ALA A 16 45.35 -1.52 -8.62
C ALA A 16 44.47 -2.60 -9.23
N GLU A 17 44.02 -3.53 -8.39
CA GLU A 17 43.18 -4.62 -8.85
C GLU A 17 42.08 -4.15 -9.78
N TRP A 18 41.91 -2.84 -9.88
CA TRP A 18 40.88 -2.23 -10.74
C TRP A 18 41.40 -1.20 -11.75
N ALA A 19 42.61 -1.38 -12.25
CA ALA A 19 43.14 -0.42 -13.20
C ALA A 19 43.14 -0.95 -14.62
N ASP A 20 42.77 -2.22 -14.78
CA ASP A 20 42.73 -2.84 -16.08
C ASP A 20 41.33 -2.77 -16.67
N ILE A 21 40.58 -1.77 -16.22
CA ILE A 21 39.21 -1.58 -16.69
C ILE A 21 38.82 -0.10 -16.64
N ASP A 22 37.98 0.31 -17.59
CA ASP A 22 37.49 1.69 -17.70
C ASP A 22 36.03 1.81 -17.30
N PRO A 23 35.73 2.77 -16.40
CA PRO A 23 34.40 3.09 -15.86
C PRO A 23 33.41 3.45 -16.96
N VAL A 24 32.11 3.34 -16.68
CA VAL A 24 31.10 3.66 -17.68
C VAL A 24 30.13 4.73 -17.22
N PRO A 25 30.49 6.00 -17.38
CA PRO A 25 29.61 7.10 -16.96
C PRO A 25 28.14 6.94 -17.37
N GLN A 26 27.26 7.01 -16.39
CA GLN A 26 25.84 6.85 -16.68
C GLN A 26 25.34 7.94 -17.60
N ASN A 27 24.92 7.57 -18.81
CA ASN A 27 24.43 8.59 -19.72
C ASN A 27 22.99 9.03 -19.44
N ASP A 28 22.82 10.25 -18.94
CA ASP A 28 21.48 10.78 -18.64
C ASP A 28 20.99 11.71 -19.74
N GLY A 29 21.65 11.63 -20.91
CA GLY A 29 21.25 12.45 -22.04
C GLY A 29 21.75 13.89 -21.95
N PRO A 30 21.67 14.63 -23.06
CA PRO A 30 22.11 16.03 -23.15
C PRO A 30 21.45 16.93 -22.12
N SER A 31 20.14 16.78 -21.96
CA SER A 31 19.41 17.59 -21.00
C SER A 31 18.72 16.72 -19.94
N PRO A 32 19.47 16.32 -18.90
CA PRO A 32 19.01 15.48 -17.79
C PRO A 32 17.75 15.98 -17.06
N VAL A 33 17.03 15.02 -16.48
CA VAL A 33 15.81 15.26 -15.70
C VAL A 33 15.96 14.44 -14.42
N VAL A 34 15.28 14.84 -13.35
CA VAL A 34 15.35 14.12 -12.08
C VAL A 34 16.70 13.46 -12.00
N GLN A 35 17.73 14.29 -11.99
CA GLN A 35 19.10 13.82 -11.94
C GLN A 35 19.64 13.90 -10.54
N ILE A 36 20.50 12.95 -10.17
CA ILE A 36 21.06 12.99 -8.83
C ILE A 36 22.52 13.35 -8.87
N ILE A 37 22.94 14.12 -7.88
CA ILE A 37 24.33 14.53 -7.77
C ILE A 37 24.97 13.49 -6.87
N TYR A 38 25.25 12.33 -7.45
CA TYR A 38 25.85 11.24 -6.72
C TYR A 38 27.18 11.68 -6.08
N SER A 39 27.38 11.32 -4.82
CA SER A 39 28.60 11.64 -4.09
C SER A 39 29.74 11.01 -4.84
N GLU A 40 30.98 11.41 -4.56
CA GLU A 40 32.13 10.84 -5.26
C GLU A 40 32.20 9.32 -5.09
N LYS A 41 32.12 8.87 -3.83
CA LYS A 41 32.20 7.45 -3.52
C LYS A 41 31.15 6.63 -4.25
N PHE A 42 29.89 7.08 -4.18
CA PHE A 42 28.76 6.40 -4.81
C PHE A 42 28.88 6.36 -6.31
N ARG A 43 28.91 7.53 -6.93
CA ARG A 43 29.00 7.64 -8.39
C ARG A 43 30.15 6.82 -8.91
N ASP A 44 31.26 6.81 -8.18
CA ASP A 44 32.41 6.04 -8.59
C ASP A 44 32.06 4.57 -8.70
N VAL A 45 31.60 3.98 -7.59
CA VAL A 45 31.29 2.54 -7.56
C VAL A 45 30.57 2.05 -8.80
N TYR A 46 29.40 2.63 -9.04
CA TYR A 46 28.57 2.25 -10.17
C TYR A 46 29.27 2.43 -11.52
N ASP A 47 29.93 3.56 -11.74
CA ASP A 47 30.66 3.75 -13.00
C ASP A 47 31.42 2.46 -13.24
N TYR A 48 31.90 1.87 -12.13
CA TYR A 48 32.63 0.63 -12.21
C TYR A 48 31.71 -0.56 -12.28
N PHE A 49 30.58 -0.49 -11.62
CA PHE A 49 29.63 -1.60 -11.69
C PHE A 49 29.27 -1.80 -13.15
N ARG A 50 28.75 -0.76 -13.76
CA ARG A 50 28.35 -0.79 -15.16
C ARG A 50 29.44 -1.51 -15.92
N ALA A 51 30.59 -0.88 -16.01
CA ALA A 51 31.71 -1.48 -16.71
C ALA A 51 31.74 -3.01 -16.53
N VAL A 52 31.47 -3.50 -15.33
CA VAL A 52 31.48 -4.94 -15.11
C VAL A 52 30.25 -5.51 -15.76
N LEU A 53 29.10 -5.17 -15.20
CA LEU A 53 27.84 -5.65 -15.72
C LEU A 53 27.88 -5.68 -17.25
N GLN A 54 28.26 -4.55 -17.85
CA GLN A 54 28.34 -4.40 -19.30
C GLN A 54 29.31 -5.39 -19.92
N ARG A 55 30.28 -5.84 -19.14
CA ARG A 55 31.23 -6.81 -19.63
C ARG A 55 30.89 -8.19 -19.08
N ASP A 56 29.69 -8.33 -18.51
CA ASP A 56 29.23 -9.59 -17.95
C ASP A 56 30.38 -10.35 -17.28
N GLU A 57 31.34 -9.60 -16.74
CA GLU A 57 32.51 -10.18 -16.09
C GLU A 57 32.14 -10.97 -14.83
N ARG A 58 32.19 -12.30 -14.92
CA ARG A 58 31.85 -13.11 -13.77
C ARG A 58 33.06 -13.25 -12.86
N SER A 59 33.75 -12.15 -12.60
CA SER A 59 34.95 -12.16 -11.76
C SER A 59 34.73 -12.14 -10.25
N GLU A 60 35.73 -12.62 -9.53
CA GLU A 60 35.67 -12.65 -8.07
C GLU A 60 35.73 -11.22 -7.55
N ARG A 61 36.30 -10.33 -8.33
CA ARG A 61 36.41 -8.94 -7.91
C ARG A 61 35.10 -8.20 -8.13
N ALA A 62 34.36 -8.61 -9.15
CA ALA A 62 33.09 -7.95 -9.42
C ALA A 62 32.20 -8.25 -8.24
N PHE A 63 32.26 -9.49 -7.78
CA PHE A 63 31.47 -9.93 -6.65
C PHE A 63 31.64 -8.94 -5.52
N LYS A 64 32.83 -8.87 -4.96
CA LYS A 64 33.07 -7.93 -3.87
C LYS A 64 32.50 -6.56 -4.26
N LEU A 65 32.73 -6.16 -5.50
CA LEU A 65 32.25 -4.88 -5.99
C LEU A 65 30.77 -4.69 -5.74
N THR A 66 30.01 -5.77 -5.83
CA THR A 66 28.56 -5.71 -5.63
C THR A 66 28.22 -5.31 -4.20
N ARG A 67 28.79 -6.02 -3.23
CA ARG A 67 28.53 -5.70 -1.84
C ARG A 67 28.48 -4.20 -1.67
N ASP A 68 29.42 -3.49 -2.29
CA ASP A 68 29.46 -2.04 -2.18
C ASP A 68 28.34 -1.36 -2.96
N ALA A 69 28.06 -1.85 -4.16
CA ALA A 69 27.01 -1.26 -4.95
C ALA A 69 25.71 -1.45 -4.19
N ILE A 70 25.67 -2.47 -3.34
CA ILE A 70 24.49 -2.76 -2.53
C ILE A 70 24.38 -1.84 -1.32
N GLU A 71 25.50 -1.57 -0.68
CA GLU A 71 25.50 -0.67 0.48
C GLU A 71 25.06 0.70 0.04
N LEU A 72 25.51 1.13 -1.13
CA LEU A 72 25.14 2.44 -1.62
C LEU A 72 23.67 2.48 -1.94
N ASN A 73 23.12 1.33 -2.31
CA ASN A 73 21.70 1.27 -2.64
C ASN A 73 21.19 -0.17 -2.72
N ALA A 74 21.01 -0.79 -1.56
CA ALA A 74 20.55 -2.17 -1.49
C ALA A 74 19.16 -2.33 -2.10
N ALA A 75 18.65 -1.26 -2.70
CA ALA A 75 17.33 -1.31 -3.31
C ALA A 75 17.44 -1.50 -4.80
N ASN A 76 18.68 -1.58 -5.29
CA ASN A 76 18.97 -1.72 -6.72
C ASN A 76 18.90 -3.17 -7.14
N TYR A 77 17.73 -3.56 -7.63
CA TYR A 77 17.49 -4.93 -8.05
C TYR A 77 18.42 -5.45 -9.11
N THR A 78 18.92 -4.56 -9.97
CA THR A 78 19.84 -4.96 -11.02
C THR A 78 21.11 -5.52 -10.41
N VAL A 79 21.66 -4.77 -9.47
CA VAL A 79 22.88 -5.17 -8.80
C VAL A 79 22.60 -6.46 -8.07
N TRP A 80 21.43 -6.60 -7.48
CA TRP A 80 21.15 -7.85 -6.80
C TRP A 80 21.15 -8.96 -7.84
N HIS A 81 20.61 -8.68 -9.03
CA HIS A 81 20.54 -9.71 -10.07
C HIS A 81 21.93 -10.21 -10.37
N PHE A 82 22.76 -9.32 -10.88
CA PHE A 82 24.11 -9.68 -11.22
C PHE A 82 24.82 -10.34 -10.05
N ARG A 83 24.28 -10.24 -8.85
CA ARG A 83 24.98 -10.88 -7.77
C ARG A 83 24.68 -12.37 -7.78
N ARG A 84 23.41 -12.75 -7.72
CA ARG A 84 23.07 -14.15 -7.72
C ARG A 84 23.86 -14.80 -8.83
N VAL A 85 24.00 -14.11 -9.95
CA VAL A 85 24.75 -14.65 -11.09
C VAL A 85 26.13 -15.06 -10.58
N LEU A 86 26.90 -14.08 -10.15
CA LEU A 86 28.23 -14.37 -9.65
C LEU A 86 28.19 -15.53 -8.67
N LEU A 87 27.16 -15.62 -7.86
CA LEU A 87 27.08 -16.73 -6.92
C LEU A 87 27.02 -18.03 -7.73
N ARG A 88 26.15 -18.07 -8.74
CA ARG A 88 26.01 -19.24 -9.62
C ARG A 88 27.36 -19.68 -10.19
N SER A 89 27.94 -18.82 -11.04
CA SER A 89 29.21 -19.07 -11.70
C SER A 89 30.37 -19.31 -10.78
N LEU A 90 30.80 -18.30 -10.05
CA LEU A 90 31.92 -18.49 -9.14
C LEU A 90 31.63 -19.62 -8.16
N GLN A 91 30.42 -20.16 -8.19
CA GLN A 91 30.03 -21.21 -7.26
C GLN A 91 30.52 -20.83 -5.86
N LYS A 92 29.84 -19.86 -5.25
CA LYS A 92 30.18 -19.37 -3.93
C LYS A 92 29.49 -20.21 -2.87
N ASP A 93 30.00 -20.14 -1.64
CA ASP A 93 29.44 -20.89 -0.55
C ASP A 93 28.17 -20.15 -0.20
N LEU A 94 27.04 -20.83 -0.16
CA LEU A 94 25.79 -20.14 0.12
C LEU A 94 25.51 -19.83 1.57
N GLN A 95 26.07 -20.60 2.49
CA GLN A 95 25.86 -20.28 3.89
C GLN A 95 26.68 -19.02 4.09
N GLU A 96 27.88 -19.01 3.52
CA GLU A 96 28.76 -17.85 3.60
C GLU A 96 27.91 -16.66 3.16
N GLU A 97 26.96 -16.93 2.27
CA GLU A 97 26.04 -15.91 1.75
C GLU A 97 24.93 -15.64 2.78
N MET A 98 24.26 -16.70 3.23
CA MET A 98 23.20 -16.56 4.21
C MET A 98 23.63 -15.62 5.31
N ASN A 99 24.82 -15.84 5.84
CA ASN A 99 25.32 -15.00 6.91
C ASN A 99 25.34 -13.55 6.49
N TYR A 100 25.68 -13.31 5.22
CA TYR A 100 25.72 -11.94 4.72
C TYR A 100 24.34 -11.30 4.60
N ILE A 101 23.38 -12.07 4.12
CA ILE A 101 22.03 -11.57 3.95
C ILE A 101 21.31 -11.46 5.26
N ILE A 102 21.65 -12.30 6.23
CA ILE A 102 20.97 -12.17 7.50
C ILE A 102 21.31 -10.76 7.96
N ALA A 103 22.58 -10.41 7.83
CA ALA A 103 23.08 -9.10 8.22
C ALA A 103 22.25 -8.01 7.60
N ILE A 104 22.42 -7.85 6.29
CA ILE A 104 21.72 -6.83 5.52
C ILE A 104 20.26 -6.69 5.91
N ILE A 105 19.53 -7.79 5.84
CA ILE A 105 18.12 -7.74 6.18
C ILE A 105 18.00 -7.17 7.58
N GLU A 106 18.82 -7.67 8.49
CA GLU A 106 18.78 -7.16 9.86
C GLU A 106 18.90 -5.63 9.78
N GLU A 107 19.75 -5.17 8.87
CA GLU A 107 20.00 -3.74 8.71
C GLU A 107 18.88 -2.98 8.04
N GLN A 108 18.44 -3.41 6.87
CA GLN A 108 17.35 -2.73 6.16
C GLN A 108 16.16 -3.67 5.96
N PRO A 109 15.43 -3.96 7.05
CA PRO A 109 14.27 -4.86 7.03
C PRO A 109 13.11 -4.44 6.17
N LYS A 110 12.91 -3.15 5.97
CA LYS A 110 11.79 -2.67 5.16
C LYS A 110 12.08 -2.74 3.67
N ASN A 111 13.00 -3.61 3.28
CA ASN A 111 13.34 -3.74 1.87
C ASN A 111 12.69 -4.94 1.19
N TYR A 112 12.59 -4.86 -0.14
CA TYR A 112 12.01 -5.95 -0.91
C TYR A 112 13.09 -6.87 -1.44
N GLN A 113 13.96 -6.35 -2.29
CA GLN A 113 15.02 -7.19 -2.85
C GLN A 113 15.88 -7.97 -1.87
N VAL A 114 16.13 -7.42 -0.68
CA VAL A 114 16.96 -8.09 0.31
C VAL A 114 16.24 -9.32 0.85
N TRP A 115 14.92 -9.26 0.92
CA TRP A 115 14.18 -10.42 1.39
C TRP A 115 14.11 -11.44 0.29
N HIS A 116 13.46 -11.11 -0.80
CA HIS A 116 13.38 -12.04 -1.90
C HIS A 116 14.73 -12.68 -2.18
N HIS A 117 15.82 -11.98 -1.90
CA HIS A 117 17.13 -12.56 -2.15
C HIS A 117 17.45 -13.65 -1.12
N ARG A 118 16.80 -13.57 0.05
CA ARG A 118 17.00 -14.58 1.09
C ARG A 118 16.19 -15.84 0.75
N ARG A 119 15.02 -15.64 0.14
CA ARG A 119 14.12 -16.72 -0.26
C ARG A 119 14.83 -17.52 -1.34
N VAL A 120 15.36 -16.82 -2.33
CA VAL A 120 16.07 -17.48 -3.42
C VAL A 120 17.13 -18.42 -2.84
N LEU A 121 18.04 -17.87 -2.02
CA LEU A 121 19.09 -18.69 -1.40
C LEU A 121 18.49 -19.90 -0.75
N VAL A 122 17.52 -19.67 0.14
CA VAL A 122 16.87 -20.76 0.85
C VAL A 122 16.32 -21.83 -0.07
N GLU A 123 15.48 -21.47 -1.03
CA GLU A 123 14.99 -22.54 -1.87
C GLU A 123 16.13 -23.27 -2.57
N TRP A 124 17.26 -22.60 -2.77
CA TRP A 124 18.44 -23.23 -3.39
C TRP A 124 19.02 -24.32 -2.49
N LEU A 125 19.24 -23.98 -1.22
CA LEU A 125 19.81 -24.92 -0.25
C LEU A 125 18.76 -25.94 0.18
N LYS A 126 17.49 -25.64 -0.09
CA LYS A 126 16.42 -26.53 0.30
C LYS A 126 16.39 -26.67 1.83
N ASP A 127 17.12 -25.81 2.54
CA ASP A 127 17.17 -25.86 4.01
C ASP A 127 16.67 -24.62 4.71
N PRO A 128 15.48 -24.69 5.33
CA PRO A 128 14.91 -23.55 6.04
C PRO A 128 15.20 -23.55 7.53
N SER A 129 15.97 -24.52 8.01
CA SER A 129 16.27 -24.60 9.43
C SER A 129 16.44 -23.25 10.14
N GLN A 130 17.34 -22.40 9.61
CA GLN A 130 17.61 -21.08 10.18
C GLN A 130 16.41 -20.12 10.23
N GLU A 131 15.64 -20.10 9.15
CA GLU A 131 14.49 -19.22 9.01
C GLU A 131 13.60 -18.89 10.22
N LEU A 132 12.65 -19.76 10.56
CA LEU A 132 11.75 -19.47 11.66
C LEU A 132 12.35 -18.66 12.81
N GLU A 133 13.62 -18.92 13.13
CA GLU A 133 14.33 -18.21 14.21
C GLU A 133 14.73 -16.79 13.77
N PHE A 134 15.32 -16.69 12.58
CA PHE A 134 15.73 -15.41 12.02
C PHE A 134 14.52 -14.49 12.01
N ILE A 135 13.60 -14.74 11.08
CA ILE A 135 12.38 -13.95 10.96
C ILE A 135 11.91 -13.48 12.33
N ALA A 136 11.92 -14.41 13.29
CA ALA A 136 11.50 -14.13 14.67
C ALA A 136 12.26 -12.99 15.29
N ASP A 137 13.58 -12.96 15.07
CA ASP A 137 14.42 -11.89 15.61
C ASP A 137 14.06 -10.57 14.94
N ILE A 138 13.76 -10.63 13.65
CA ILE A 138 13.36 -9.45 12.90
C ILE A 138 12.04 -9.01 13.53
N LEU A 139 11.12 -9.96 13.68
CA LEU A 139 9.84 -9.65 14.29
C LEU A 139 9.95 -9.15 15.71
N ASN A 140 11.12 -9.30 16.30
CA ASN A 140 11.31 -8.86 17.67
C ASN A 140 11.88 -7.42 17.73
N GLN A 141 12.00 -6.80 16.56
CA GLN A 141 12.48 -5.43 16.43
C GLN A 141 11.27 -4.68 15.89
N ASP A 142 10.53 -5.36 15.01
CA ASP A 142 9.31 -4.80 14.44
C ASP A 142 8.24 -5.90 14.41
N ALA A 143 7.45 -6.00 15.47
CA ALA A 143 6.43 -7.03 15.54
C ALA A 143 5.40 -6.91 14.43
N LYS A 144 5.74 -6.20 13.37
CA LYS A 144 4.78 -6.02 12.30
C LYS A 144 5.39 -5.85 10.92
N ASN A 145 6.65 -6.23 10.73
CA ASN A 145 7.29 -6.07 9.42
C ASN A 145 6.56 -6.94 8.43
N TYR A 146 5.88 -6.34 7.46
CA TYR A 146 5.12 -7.13 6.49
C TYR A 146 5.98 -8.24 5.96
N HIS A 147 7.04 -7.85 5.28
CA HIS A 147 7.98 -8.78 4.68
C HIS A 147 8.24 -9.93 5.59
N ALA A 148 8.66 -9.62 6.82
CA ALA A 148 8.98 -10.61 7.83
C ALA A 148 7.88 -11.66 7.97
N TRP A 149 6.64 -11.20 8.10
CA TRP A 149 5.53 -12.13 8.21
C TRP A 149 5.33 -12.91 6.92
N GLN A 150 5.35 -12.21 5.79
CA GLN A 150 5.19 -12.85 4.49
C GLN A 150 6.26 -13.91 4.29
N HIS A 151 7.52 -13.49 4.42
CA HIS A 151 8.60 -14.43 4.25
C HIS A 151 8.28 -15.64 5.10
N ARG A 152 7.80 -15.38 6.31
CA ARG A 152 7.45 -16.46 7.25
C ARG A 152 6.32 -17.38 6.73
N GLN A 153 5.23 -16.81 6.22
CA GLN A 153 4.16 -17.65 5.71
C GLN A 153 4.73 -18.58 4.64
N TRP A 154 5.53 -18.06 3.73
CA TRP A 154 6.13 -18.89 2.69
C TRP A 154 6.97 -20.00 3.30
N VAL A 155 7.92 -19.62 4.14
CA VAL A 155 8.80 -20.58 4.79
C VAL A 155 8.04 -21.67 5.52
N ILE A 156 6.83 -21.34 5.98
CA ILE A 156 6.01 -22.31 6.69
C ILE A 156 5.22 -23.19 5.73
N GLN A 157 4.77 -22.61 4.62
CA GLN A 157 4.03 -23.42 3.68
C GLN A 157 5.01 -24.33 2.95
N GLU A 158 5.89 -23.74 2.16
CA GLU A 158 6.87 -24.51 1.40
C GLU A 158 7.54 -25.64 2.13
N PHE A 159 7.65 -25.54 3.46
CA PHE A 159 8.33 -26.61 4.20
C PHE A 159 7.52 -27.27 5.30
N ARG A 160 6.19 -27.23 5.16
CA ARG A 160 5.25 -27.83 6.12
C ARG A 160 5.79 -27.71 7.54
N LEU A 161 6.05 -26.50 8.02
CA LEU A 161 6.62 -26.33 9.35
C LEU A 161 5.71 -25.87 10.46
N TRP A 162 4.41 -26.07 10.28
CA TRP A 162 3.42 -25.62 11.26
C TRP A 162 3.71 -25.94 12.74
N ASP A 163 3.62 -27.22 13.11
CA ASP A 163 3.87 -27.72 14.46
C ASP A 163 3.95 -26.66 15.57
N ASN A 164 5.03 -25.90 15.63
CA ASN A 164 5.15 -24.90 16.68
C ASN A 164 4.97 -23.43 16.31
N GLU A 165 3.93 -23.10 15.55
CA GLU A 165 3.67 -21.72 15.17
C GLU A 165 2.52 -21.18 16.00
N LEU A 166 1.47 -21.98 16.14
CA LEU A 166 0.33 -21.55 16.93
C LEU A 166 0.78 -21.12 18.31
N GLN A 167 1.87 -21.70 18.81
CA GLN A 167 2.38 -21.29 20.11
C GLN A 167 2.92 -19.89 19.92
N TYR A 168 3.74 -19.72 18.87
CA TYR A 168 4.34 -18.44 18.55
C TYR A 168 3.25 -17.38 18.55
N VAL A 169 2.23 -17.59 17.74
CA VAL A 169 1.13 -16.63 17.69
C VAL A 169 0.64 -16.28 19.08
N ASP A 170 0.36 -17.29 19.89
CA ASP A 170 -0.12 -17.05 21.24
C ASP A 170 0.87 -16.23 22.06
N GLN A 171 2.15 -16.50 21.84
CA GLN A 171 3.21 -15.79 22.55
C GLN A 171 3.12 -14.29 22.30
N LEU A 172 3.33 -13.91 21.05
CA LEU A 172 3.29 -12.51 20.68
C LEU A 172 1.95 -11.90 21.05
N LEU A 173 0.92 -12.74 21.15
CA LEU A 173 -0.41 -12.26 21.52
C LEU A 173 -0.39 -11.64 22.90
N LYS A 174 0.32 -12.29 23.82
CA LYS A 174 0.42 -11.74 25.15
C LYS A 174 1.13 -10.41 24.97
N GLU A 175 2.32 -10.46 24.40
CA GLU A 175 3.14 -9.27 24.17
C GLU A 175 2.34 -8.02 23.74
N ASP A 176 1.40 -8.19 22.81
CA ASP A 176 0.58 -7.07 22.34
C ASP A 176 -0.66 -7.52 21.59
N VAL A 177 -1.70 -7.85 22.36
CA VAL A 177 -2.97 -8.32 21.84
C VAL A 177 -3.53 -7.45 20.73
N ARG A 178 -3.07 -6.20 20.66
CA ARG A 178 -3.57 -5.30 19.63
C ARG A 178 -2.91 -5.52 18.27
N ASN A 179 -1.84 -6.31 18.24
CA ASN A 179 -1.08 -6.59 17.01
C ASN A 179 -1.92 -7.25 15.92
N ASN A 180 -2.54 -6.45 15.05
CA ASN A 180 -3.40 -7.03 14.02
C ASN A 180 -2.70 -8.05 13.15
N SER A 181 -1.40 -7.88 12.94
CA SER A 181 -0.66 -8.83 12.11
C SER A 181 -0.67 -10.20 12.70
N VAL A 182 -0.41 -10.28 14.00
CA VAL A 182 -0.39 -11.57 14.66
C VAL A 182 -1.73 -12.26 14.50
N TRP A 183 -2.80 -11.49 14.66
CA TRP A 183 -4.13 -12.08 14.51
C TRP A 183 -4.27 -12.70 13.13
N ASN A 184 -3.72 -12.06 12.12
CA ASN A 184 -3.79 -12.64 10.81
C ASN A 184 -2.95 -13.91 10.80
N GLN A 185 -1.87 -13.91 11.56
CA GLN A 185 -1.03 -15.10 11.59
C GLN A 185 -1.81 -16.29 12.11
N ARG A 186 -2.56 -16.10 13.19
CA ARG A 186 -3.37 -17.18 13.77
C ARG A 186 -4.22 -17.86 12.72
N HIS A 187 -5.10 -17.07 12.09
CA HIS A 187 -6.02 -17.54 11.05
C HIS A 187 -5.29 -18.06 9.82
N PHE A 188 -3.97 -18.14 9.91
CA PHE A 188 -3.18 -18.69 8.82
C PHE A 188 -2.88 -20.10 9.32
N VAL A 189 -2.36 -20.17 10.53
CA VAL A 189 -1.99 -21.44 11.15
C VAL A 189 -3.18 -22.36 11.39
N ILE A 190 -4.38 -21.79 11.48
CA ILE A 190 -5.55 -22.63 11.71
C ILE A 190 -6.23 -23.00 10.41
N SER A 191 -6.72 -22.01 9.67
CA SER A 191 -7.41 -22.33 8.42
C SER A 191 -6.60 -23.31 7.56
N ASN A 192 -5.30 -23.35 7.76
CA ASN A 192 -4.45 -24.26 6.98
C ASN A 192 -4.07 -25.55 7.67
N THR A 193 -4.44 -25.71 8.93
CA THR A 193 -4.10 -26.92 9.65
C THR A 193 -5.33 -27.72 10.05
N THR A 194 -6.16 -27.12 10.90
CA THR A 194 -7.35 -27.77 11.41
C THR A 194 -8.64 -27.16 10.87
N GLY A 195 -8.55 -25.94 10.38
CA GLY A 195 -9.74 -25.29 9.85
C GLY A 195 -10.69 -24.94 10.96
N TYR A 196 -11.76 -24.25 10.63
CA TYR A 196 -12.72 -23.85 11.65
C TYR A 196 -14.03 -24.60 11.61
N SER A 197 -14.19 -25.51 10.65
CA SER A 197 -15.43 -26.26 10.57
C SER A 197 -15.57 -27.08 11.84
N ASP A 198 -14.45 -27.58 12.34
CA ASP A 198 -14.47 -28.38 13.57
C ASP A 198 -15.21 -27.67 14.72
N ARG A 199 -16.26 -28.31 15.20
CA ARG A 199 -17.10 -27.79 16.29
C ARG A 199 -16.26 -27.34 17.48
N ALA A 200 -15.28 -28.15 17.83
CA ALA A 200 -14.40 -27.85 18.96
C ALA A 200 -13.50 -26.68 18.66
N VAL A 201 -13.00 -26.66 17.43
CA VAL A 201 -12.10 -25.61 16.99
C VAL A 201 -12.82 -24.29 16.92
N LEU A 202 -13.91 -24.21 16.16
CA LEU A 202 -14.60 -22.94 16.06
C LEU A 202 -15.04 -22.56 17.46
N GLU A 203 -15.38 -23.54 18.27
CA GLU A 203 -15.79 -23.25 19.63
C GLU A 203 -14.64 -22.59 20.38
N ARG A 204 -13.53 -23.31 20.46
CA ARG A 204 -12.34 -22.84 21.14
C ARG A 204 -11.99 -21.38 20.81
N GLU A 205 -11.85 -21.08 19.52
CA GLU A 205 -11.47 -19.73 19.10
C GLU A 205 -12.45 -18.68 19.57
N VAL A 206 -13.69 -18.78 19.10
CA VAL A 206 -14.72 -17.81 19.49
C VAL A 206 -14.65 -17.54 20.99
N GLN A 207 -14.67 -18.59 21.79
CA GLN A 207 -14.56 -18.38 23.23
C GLN A 207 -13.41 -17.40 23.48
N TYR A 208 -12.18 -17.88 23.29
CA TYR A 208 -10.97 -17.09 23.48
C TYR A 208 -11.08 -15.68 22.92
N THR A 209 -11.49 -15.55 21.65
CA THR A 209 -11.64 -14.23 21.07
C THR A 209 -12.37 -13.30 22.05
N LEU A 210 -13.55 -13.74 22.47
CA LEU A 210 -14.40 -13.03 23.42
C LEU A 210 -13.62 -12.67 24.65
N GLU A 211 -12.72 -13.56 25.06
CA GLU A 211 -11.88 -13.31 26.21
C GLU A 211 -11.12 -12.03 25.99
N MET A 212 -10.33 -12.03 24.93
CA MET A 212 -9.54 -10.85 24.61
C MET A 212 -10.48 -9.66 24.45
N ILE A 213 -11.71 -9.91 24.04
CA ILE A 213 -12.67 -8.82 23.91
C ILE A 213 -12.97 -8.22 25.30
N LYS A 214 -13.31 -9.06 26.26
CA LYS A 214 -13.59 -8.51 27.56
C LYS A 214 -12.35 -7.87 28.18
N LEU A 215 -11.21 -8.55 28.12
CA LEU A 215 -9.98 -7.99 28.68
C LEU A 215 -9.64 -6.62 28.14
N VAL A 216 -9.90 -6.40 26.86
CA VAL A 216 -9.62 -5.11 26.25
C VAL A 216 -10.71 -4.82 25.24
N PRO A 217 -11.85 -4.28 25.69
CA PRO A 217 -13.04 -3.93 24.93
C PRO A 217 -12.88 -3.17 23.61
N HIS A 218 -11.81 -2.40 23.46
CA HIS A 218 -11.61 -1.64 22.23
C HIS A 218 -10.55 -2.18 21.27
N ASN A 219 -10.13 -3.42 21.48
CA ASN A 219 -9.12 -4.05 20.63
C ASN A 219 -9.80 -4.36 19.28
N GLU A 220 -9.75 -3.44 18.34
CA GLU A 220 -10.41 -3.63 17.06
C GLU A 220 -9.94 -4.86 16.29
N SER A 221 -9.04 -5.65 16.85
CA SER A 221 -8.57 -6.88 16.18
C SER A 221 -9.43 -8.05 16.63
N ALA A 222 -9.50 -8.23 17.95
CA ALA A 222 -10.30 -9.28 18.57
C ALA A 222 -11.64 -9.30 17.90
N TRP A 223 -12.23 -8.12 17.72
CA TRP A 223 -13.53 -8.02 17.09
C TRP A 223 -13.54 -8.41 15.61
N ASN A 224 -12.58 -7.89 14.85
CA ASN A 224 -12.53 -8.24 13.43
C ASN A 224 -12.27 -9.75 13.25
N TYR A 225 -11.64 -10.37 14.24
CA TYR A 225 -11.37 -11.80 14.14
C TYR A 225 -12.59 -12.60 14.52
N LEU A 226 -13.40 -12.08 15.45
CA LEU A 226 -14.61 -12.77 15.89
C LEU A 226 -15.59 -12.77 14.73
N LYS A 227 -15.75 -11.60 14.13
CA LYS A 227 -16.61 -11.45 12.98
C LYS A 227 -15.94 -12.17 11.82
N GLY A 228 -14.63 -12.31 11.91
CA GLY A 228 -13.87 -12.93 10.84
C GLY A 228 -14.05 -14.41 10.65
N ILE A 229 -14.02 -15.18 11.74
CA ILE A 229 -14.15 -16.62 11.66
C ILE A 229 -15.60 -17.14 11.75
N LEU A 230 -16.56 -16.24 11.84
CA LEU A 230 -17.96 -16.63 11.93
C LEU A 230 -18.78 -16.04 10.79
N GLN A 231 -18.16 -15.22 9.96
CA GLN A 231 -18.90 -14.56 8.88
C GLN A 231 -19.28 -15.39 7.67
N ASP A 232 -18.51 -16.42 7.37
CA ASP A 232 -18.83 -17.23 6.21
C ASP A 232 -20.16 -17.96 6.37
N ARG A 233 -20.27 -18.76 7.43
CA ARG A 233 -21.48 -19.51 7.69
C ARG A 233 -22.67 -18.59 7.94
N GLY A 234 -22.39 -17.31 8.14
CA GLY A 234 -23.45 -16.36 8.40
C GLY A 234 -23.55 -16.30 9.90
N LEU A 235 -24.05 -15.21 10.46
CA LEU A 235 -24.16 -15.11 11.90
C LEU A 235 -25.48 -15.70 12.41
N SER A 236 -26.55 -15.55 11.64
CA SER A 236 -27.83 -16.08 12.06
C SER A 236 -27.71 -17.55 12.46
N ARG A 237 -26.61 -18.18 12.07
CA ARG A 237 -26.40 -19.60 12.38
C ARG A 237 -25.98 -19.85 13.83
N TYR A 238 -25.59 -18.80 14.55
CA TYR A 238 -25.17 -18.92 15.94
C TYR A 238 -25.97 -17.95 16.81
N PRO A 239 -27.21 -18.32 17.17
CA PRO A 239 -28.12 -17.51 17.99
C PRO A 239 -27.52 -16.94 19.27
N ASN A 240 -26.99 -17.83 20.12
CA ASN A 240 -26.38 -17.39 21.37
C ASN A 240 -25.46 -16.17 21.21
N LEU A 241 -24.82 -16.03 20.07
CA LEU A 241 -23.91 -14.91 19.91
C LEU A 241 -24.60 -13.57 20.17
N LEU A 242 -25.88 -13.47 19.84
CA LEU A 242 -26.62 -12.23 20.03
C LEU A 242 -26.94 -11.89 21.49
N ASN A 243 -26.96 -12.88 22.36
CA ASN A 243 -27.26 -12.61 23.77
C ASN A 243 -26.00 -12.23 24.51
N GLN A 244 -24.96 -13.07 24.43
CA GLN A 244 -23.71 -12.75 25.14
C GLN A 244 -23.24 -11.32 24.85
N LEU A 245 -23.27 -10.94 23.58
CA LEU A 245 -22.83 -9.60 23.21
C LEU A 245 -23.69 -8.53 23.86
N LEU A 246 -24.82 -8.95 24.41
CA LEU A 246 -25.72 -8.02 25.06
C LEU A 246 -25.35 -7.80 26.51
N ASP A 247 -24.63 -8.75 27.09
CA ASP A 247 -24.19 -8.64 28.48
C ASP A 247 -22.91 -7.82 28.55
N LEU A 248 -22.64 -7.05 27.50
CA LEU A 248 -21.44 -6.23 27.43
C LEU A 248 -21.77 -4.75 27.31
N GLN A 249 -23.03 -4.44 27.04
CA GLN A 249 -23.46 -3.06 26.90
C GLN A 249 -22.94 -2.17 28.03
N PRO A 250 -22.99 -2.68 29.28
CA PRO A 250 -22.53 -1.91 30.44
C PRO A 250 -21.03 -1.56 30.41
N SER A 251 -20.27 -2.11 31.35
CA SER A 251 -18.83 -1.85 31.46
C SER A 251 -17.98 -2.40 30.31
N HIS A 252 -18.58 -2.56 29.13
CA HIS A 252 -17.83 -3.07 27.98
C HIS A 252 -18.28 -2.51 26.64
N SER A 253 -19.13 -1.48 26.65
CA SER A 253 -19.60 -0.91 25.40
C SER A 253 -18.42 -0.47 24.53
N SER A 254 -18.64 -0.45 23.22
CA SER A 254 -17.63 -0.06 22.25
C SER A 254 -18.29 -0.02 20.89
N PRO A 255 -17.98 0.98 20.07
CA PRO A 255 -18.63 1.00 18.75
C PRO A 255 -18.28 -0.25 17.97
N TYR A 256 -17.27 -0.98 18.43
CA TYR A 256 -16.85 -2.22 17.78
C TYR A 256 -17.91 -3.27 18.02
N LEU A 257 -18.78 -3.00 18.98
CA LEU A 257 -19.87 -3.91 19.33
C LEU A 257 -21.09 -3.43 18.60
N ILE A 258 -21.49 -2.19 18.87
CA ILE A 258 -22.64 -1.56 18.24
C ILE A 258 -22.79 -2.12 16.84
N ALA A 259 -21.66 -2.16 16.12
CA ALA A 259 -21.62 -2.64 14.75
C ALA A 259 -21.80 -4.15 14.59
N PHE A 260 -21.08 -4.94 15.37
CA PHE A 260 -21.17 -6.40 15.28
C PHE A 260 -22.65 -6.74 15.31
N LEU A 261 -23.37 -6.18 16.27
CA LEU A 261 -24.81 -6.43 16.38
C LEU A 261 -25.43 -6.13 15.04
N VAL A 262 -25.38 -4.86 14.65
CA VAL A 262 -25.94 -4.47 13.37
C VAL A 262 -25.59 -5.53 12.33
N ASP A 263 -24.31 -5.90 12.27
CA ASP A 263 -23.83 -6.92 11.33
C ASP A 263 -24.67 -8.16 11.50
N ILE A 264 -24.83 -8.57 12.76
CA ILE A 264 -25.61 -9.75 13.10
C ILE A 264 -27.03 -9.58 12.59
N TYR A 265 -27.67 -8.47 12.94
CA TYR A 265 -29.04 -8.22 12.50
C TYR A 265 -29.15 -8.24 10.98
N GLU A 266 -28.05 -7.93 10.31
CA GLU A 266 -28.03 -7.92 8.86
C GLU A 266 -28.18 -9.35 8.37
N ASP A 267 -27.30 -10.22 8.85
CA ASP A 267 -27.37 -11.62 8.43
C ASP A 267 -28.72 -12.19 8.83
N MET A 268 -29.30 -11.66 9.90
CA MET A 268 -30.60 -12.15 10.34
C MET A 268 -31.67 -11.73 9.35
N LEU A 269 -31.58 -10.51 8.86
CA LEU A 269 -32.56 -10.05 7.89
C LEU A 269 -32.40 -10.76 6.56
N GLU A 270 -31.39 -11.63 6.47
CA GLU A 270 -31.15 -12.36 5.24
C GLU A 270 -31.56 -13.82 5.38
N ASN A 271 -32.10 -14.16 6.54
CA ASN A 271 -32.54 -15.52 6.81
C ASN A 271 -33.89 -15.49 7.51
N GLN A 272 -34.95 -15.66 6.71
CA GLN A 272 -36.33 -15.64 7.21
C GLN A 272 -36.39 -15.94 8.70
N CYS A 273 -36.42 -14.89 9.51
CA CYS A 273 -36.48 -15.04 10.96
C CYS A 273 -37.79 -14.48 11.52
N ASP A 274 -38.07 -14.83 12.77
CA ASP A 274 -39.29 -14.37 13.43
C ASP A 274 -38.99 -12.95 13.89
N ASN A 275 -39.94 -12.05 13.68
CA ASN A 275 -39.80 -10.63 14.01
C ASN A 275 -39.02 -9.93 12.91
N LYS A 276 -39.34 -10.32 11.68
CA LYS A 276 -38.72 -9.75 10.49
C LYS A 276 -39.13 -8.29 10.40
N GLU A 277 -39.59 -7.75 11.54
CA GLU A 277 -40.01 -6.37 11.64
C GLU A 277 -39.54 -5.70 12.93
N ASP A 278 -39.25 -6.52 13.94
CA ASP A 278 -38.77 -6.04 15.23
C ASP A 278 -37.29 -5.75 15.19
N ILE A 279 -36.56 -6.51 14.37
CA ILE A 279 -35.12 -6.33 14.25
C ILE A 279 -34.83 -5.22 13.25
N LEU A 280 -35.51 -5.28 12.12
CA LEU A 280 -35.37 -4.31 11.05
C LEU A 280 -35.36 -2.85 11.51
N ASN A 281 -35.75 -2.61 12.75
CA ASN A 281 -35.78 -1.26 13.28
C ASN A 281 -34.84 -1.23 14.47
N LYS A 282 -34.84 -2.33 15.20
CA LYS A 282 -34.00 -2.52 16.39
C LYS A 282 -32.55 -2.27 15.96
N ALA A 283 -32.33 -2.42 14.66
CA ALA A 283 -31.01 -2.24 14.06
C ALA A 283 -30.91 -0.89 13.36
N LEU A 284 -31.89 -0.55 12.55
CA LEU A 284 -31.87 0.75 11.87
C LEU A 284 -31.70 1.82 12.93
N GLU A 285 -32.10 1.47 14.14
CA GLU A 285 -32.00 2.34 15.30
C GLU A 285 -30.51 2.46 15.65
N LEU A 286 -29.86 1.31 15.80
CA LEU A 286 -28.44 1.22 16.15
C LEU A 286 -27.53 1.90 15.13
N CYS A 287 -28.04 2.14 13.93
CA CYS A 287 -27.26 2.79 12.89
C CYS A 287 -27.18 4.28 13.17
N GLU A 288 -28.13 4.75 13.97
CA GLU A 288 -28.20 6.15 14.35
C GLU A 288 -27.03 6.42 15.29
N ILE A 289 -27.07 5.78 16.45
CA ILE A 289 -26.01 5.97 17.45
C ILE A 289 -24.65 6.06 16.76
N LEU A 290 -24.41 5.16 15.82
CA LEU A 290 -23.15 5.14 15.09
C LEU A 290 -22.88 6.45 14.37
N ALA A 291 -23.62 6.69 13.29
CA ALA A 291 -23.46 7.91 12.50
C ALA A 291 -23.56 9.24 13.27
N LYS A 292 -24.40 9.31 14.30
CA LYS A 292 -24.52 10.55 15.03
C LYS A 292 -23.82 10.56 16.37
N GLU A 293 -23.53 9.39 16.93
CA GLU A 293 -22.89 9.38 18.25
C GLU A 293 -21.52 8.68 18.36
N LYS A 294 -21.54 7.39 18.65
CA LYS A 294 -20.34 6.60 18.85
C LYS A 294 -19.30 6.51 17.73
N ASP A 295 -19.75 6.38 16.49
CA ASP A 295 -18.81 6.26 15.37
C ASP A 295 -19.21 7.18 14.24
N THR A 296 -19.22 8.47 14.53
CA THR A 296 -19.64 9.50 13.57
C THR A 296 -18.80 9.66 12.32
N ILE A 297 -17.49 9.53 12.44
CA ILE A 297 -16.60 9.70 11.29
C ILE A 297 -17.04 8.80 10.14
N ARG A 298 -17.58 7.64 10.51
CA ARG A 298 -18.07 6.64 9.57
C ARG A 298 -19.55 6.88 9.35
N LYS A 299 -19.99 8.12 9.59
CA LYS A 299 -21.38 8.45 9.42
C LYS A 299 -21.81 8.10 8.00
N GLU A 300 -21.10 8.62 7.01
CA GLU A 300 -21.43 8.35 5.62
C GLU A 300 -21.68 6.86 5.34
N TYR A 301 -20.87 5.99 5.92
CA TYR A 301 -21.02 4.56 5.72
C TYR A 301 -22.30 4.08 6.37
N TRP A 302 -22.41 4.28 7.67
CA TRP A 302 -23.60 3.87 8.39
C TRP A 302 -24.87 4.35 7.70
N ARG A 303 -24.87 5.61 7.27
CA ARG A 303 -26.01 6.20 6.59
C ARG A 303 -26.23 5.51 5.25
N TYR A 304 -25.69 4.31 5.11
CA TYR A 304 -25.81 3.48 3.91
C TYR A 304 -26.26 2.09 4.34
N ILE A 305 -25.80 1.65 5.50
CA ILE A 305 -26.22 0.37 6.03
C ILE A 305 -27.69 0.62 6.29
N GLY A 306 -27.98 1.80 6.84
CA GLY A 306 -29.34 2.18 7.12
C GLY A 306 -30.17 2.08 5.86
N ARG A 307 -29.83 2.88 4.85
CA ARG A 307 -30.54 2.91 3.58
C ARG A 307 -30.65 1.50 3.00
N SER A 308 -29.51 0.83 2.79
CA SER A 308 -29.50 -0.52 2.25
C SER A 308 -30.56 -1.42 2.93
N LEU A 309 -30.46 -1.59 4.25
CA LEU A 309 -31.40 -2.41 5.03
C LEU A 309 -32.87 -2.04 4.80
N GLN A 310 -33.16 -0.75 4.71
CA GLN A 310 -34.52 -0.29 4.44
C GLN A 310 -34.85 -0.66 2.99
N SER A 311 -34.04 -0.17 2.07
CA SER A 311 -34.21 -0.43 0.64
C SER A 311 -34.59 -1.86 0.29
N LYS A 312 -34.32 -2.81 1.17
CA LYS A 312 -34.65 -4.20 0.87
C LYS A 312 -35.47 -4.93 1.92
N HIS A 313 -36.08 -4.17 2.84
CA HIS A 313 -36.89 -4.75 3.91
C HIS A 313 -38.04 -3.81 4.29
N SER A 314 -39.14 -3.90 3.55
CA SER A 314 -40.30 -3.07 3.82
C SER A 314 -41.53 -3.62 3.08
N ARG A 315 -42.66 -2.94 3.22
CA ARG A 315 -43.92 -3.35 2.59
C ARG A 315 -44.11 -4.87 2.60
N PRO B 1 -17.29 25.06 13.37
CA PRO B 1 -15.90 25.19 12.87
C PRO B 1 -15.50 23.92 12.14
N LEU B 2 -14.19 23.68 12.03
CA LEU B 2 -13.71 22.49 11.36
C LEU B 2 -13.95 21.30 12.26
N TYR B 3 -14.57 20.27 11.68
CA TYR B 3 -14.88 19.03 12.40
C TYR B 3 -13.76 18.61 13.33
N SER B 4 -12.59 18.41 12.76
CA SER B 4 -11.42 18.01 13.51
C SER B 4 -11.21 18.88 14.74
N LEU B 5 -11.60 20.14 14.65
CA LEU B 5 -11.44 21.08 15.77
C LEU B 5 -12.55 20.99 16.81
N ARG B 6 -13.81 20.90 16.36
CA ARG B 6 -14.96 20.82 17.24
C ARG B 6 -14.63 20.30 18.63
N PRO B 7 -15.33 20.80 19.66
CA PRO B 7 -15.11 20.40 21.05
C PRO B 7 -15.32 18.90 21.30
N GLU B 8 -16.55 18.44 21.11
CA GLU B 8 -16.89 17.04 21.32
C GLU B 8 -16.15 16.04 20.42
N HIS B 9 -15.18 16.53 19.65
CA HIS B 9 -14.39 15.68 18.76
C HIS B 9 -13.35 14.99 19.60
N ALA B 10 -13.13 15.53 20.80
CA ALA B 10 -12.16 14.96 21.72
C ALA B 10 -12.83 13.84 22.51
N ARG B 11 -13.72 13.11 21.84
CA ARG B 11 -14.43 11.97 22.44
C ARG B 11 -13.89 10.78 21.65
N GLU B 12 -13.46 11.09 20.43
CA GLU B 12 -12.92 10.13 19.50
C GLU B 12 -11.43 9.90 19.74
N ARG B 13 -10.99 10.21 20.95
CA ARG B 13 -9.61 9.99 21.34
C ARG B 13 -9.44 8.52 21.62
N LEU B 14 -8.25 8.13 22.05
CA LEU B 14 -8.03 6.73 22.35
C LEU B 14 -8.36 6.31 23.76
N GLN B 15 -9.10 5.21 23.87
CA GLN B 15 -9.45 4.62 25.14
C GLN B 15 -8.56 3.39 25.05
N ASP B 16 -7.57 3.28 25.92
CA ASP B 16 -6.70 2.12 25.84
C ASP B 16 -7.17 1.01 26.79
N ASP B 17 -8.34 1.21 27.39
CA ASP B 17 -8.88 0.22 28.30
C ASP B 17 -7.92 0.00 29.47
N SER B 18 -7.26 1.08 29.88
CA SER B 18 -6.31 0.99 30.98
C SER B 18 -5.31 -0.13 30.77
N VAL B 19 -5.17 -0.57 29.52
CA VAL B 19 -4.22 -1.62 29.18
C VAL B 19 -3.15 -0.93 28.33
N GLU B 20 -2.02 -1.59 28.07
CA GLU B 20 -0.96 -0.97 27.28
C GLU B 20 -0.07 -1.93 26.48
N THR B 21 -0.06 -1.76 25.17
CA THR B 21 0.79 -2.56 24.30
C THR B 21 1.30 -1.61 23.24
N VAL B 22 2.55 -1.80 22.83
CA VAL B 22 3.17 -0.95 21.83
C VAL B 22 2.18 -0.24 20.91
N THR B 23 1.23 -1.00 20.38
CA THR B 23 0.25 -0.40 19.49
C THR B 23 -0.44 0.77 20.19
N SER B 24 -0.89 0.53 21.43
CA SER B 24 -1.57 1.53 22.25
C SER B 24 -0.70 2.78 22.40
N ILE B 25 0.52 2.58 22.90
CA ILE B 25 1.49 3.64 23.11
C ILE B 25 1.69 4.50 21.87
N GLU B 26 2.05 3.85 20.77
CA GLU B 26 2.27 4.56 19.52
C GLU B 26 1.05 5.36 19.12
N GLN B 27 -0.10 4.71 19.05
CA GLN B 27 -1.32 5.43 18.69
C GLN B 27 -1.48 6.61 19.66
N ALA B 28 -1.07 6.40 20.90
CA ALA B 28 -1.14 7.43 21.93
C ALA B 28 -0.32 8.65 21.55
N LYS B 29 0.97 8.43 21.30
CA LYS B 29 1.87 9.52 20.91
C LYS B 29 1.37 10.29 19.69
N VAL B 30 0.84 9.57 18.71
CA VAL B 30 0.39 10.25 17.53
C VAL B 30 -0.76 11.15 17.91
N GLU B 31 -1.73 10.60 18.64
CA GLU B 31 -2.87 11.40 19.02
C GLU B 31 -2.42 12.68 19.73
N GLU B 32 -1.28 12.65 20.40
CA GLU B 32 -0.78 13.85 21.06
C GLU B 32 -0.45 14.90 20.00
N LYS B 33 0.64 14.67 19.29
CA LYS B 33 1.08 15.59 18.25
C LYS B 33 -0.04 15.99 17.30
N ILE B 34 -0.98 15.10 17.04
CA ILE B 34 -2.08 15.43 16.16
C ILE B 34 -3.03 16.43 16.82
N GLN B 35 -3.24 16.24 18.13
CA GLN B 35 -4.10 17.12 18.91
C GLN B 35 -3.48 18.50 18.92
N GLU B 36 -2.23 18.55 19.40
CA GLU B 36 -1.45 19.79 19.50
C GLU B 36 -1.63 20.64 18.25
N VAL B 37 -1.69 19.98 17.10
CA VAL B 37 -1.90 20.66 15.82
C VAL B 37 -3.29 21.31 15.81
N PHE B 38 -4.34 20.53 16.02
CA PHE B 38 -5.68 21.09 16.03
C PHE B 38 -5.82 22.19 17.06
N SER B 39 -5.48 21.90 18.32
CA SER B 39 -5.59 22.90 19.38
C SER B 39 -4.81 24.16 19.04
N SER B 40 -3.76 24.01 18.23
CA SER B 40 -2.91 25.13 17.84
C SER B 40 -3.62 26.19 17.02
N TYR B 41 -4.50 26.93 17.68
CA TYR B 41 -5.27 28.00 17.07
C TYR B 41 -5.78 28.92 18.16
N LYS B 42 -5.40 28.60 19.39
CA LYS B 42 -5.81 29.38 20.54
C LYS B 42 -4.87 30.55 20.84
N PHE B 43 -5.16 31.66 20.15
CA PHE B 43 -4.47 32.95 20.23
C PHE B 43 -4.92 33.76 19.01
N ASN B 44 -4.96 33.08 17.86
CA ASN B 44 -5.39 33.67 16.60
C ASN B 44 -5.99 32.58 15.72
N HIS B 45 -7.07 32.90 15.02
CA HIS B 45 -7.71 31.92 14.16
C HIS B 45 -8.76 32.64 13.33
N LEU B 46 -8.31 33.57 12.51
CA LEU B 46 -9.18 34.34 11.62
C LEU B 46 -9.23 33.67 10.25
N VAL B 47 -8.09 33.71 9.55
CA VAL B 47 -7.93 33.07 8.24
C VAL B 47 -6.84 32.02 8.44
N PRO B 48 -7.20 30.85 9.03
CA PRO B 48 -6.30 29.74 9.32
C PRO B 48 -5.42 29.38 8.13
N ARG B 49 -4.25 28.80 8.43
CA ARG B 49 -3.35 28.38 7.37
C ARG B 49 -4.00 27.22 6.59
N LEU B 50 -5.34 27.16 6.63
CA LEU B 50 -6.11 26.15 5.92
C LEU B 50 -5.96 26.55 4.45
N VAL B 51 -4.69 26.66 4.08
CA VAL B 51 -4.28 27.03 2.75
C VAL B 51 -3.50 25.84 2.20
N LEU B 52 -3.37 25.78 0.89
CA LEU B 52 -2.62 24.73 0.26
C LEU B 52 -1.50 25.41 -0.49
N GLN B 53 -0.29 25.26 0.03
CA GLN B 53 0.91 25.85 -0.55
C GLN B 53 1.06 25.60 -2.06
N ARG B 54 0.18 26.16 -2.85
CA ARG B 54 0.22 26.01 -4.30
C ARG B 54 1.63 26.30 -4.80
N GLU B 55 2.06 27.54 -4.61
CA GLU B 55 3.38 27.97 -5.06
C GLU B 55 4.51 27.28 -4.27
N LYS B 56 4.33 27.14 -2.95
CA LYS B 56 5.36 26.50 -2.14
C LYS B 56 5.70 25.06 -2.49
N HIS B 57 4.71 24.24 -2.83
CA HIS B 57 5.01 22.86 -3.18
C HIS B 57 5.55 22.88 -4.59
N PHE B 58 5.16 23.91 -5.33
CA PHE B 58 5.60 24.07 -6.71
C PHE B 58 7.11 24.20 -6.86
N HIS B 59 7.73 25.04 -6.04
CA HIS B 59 9.18 25.18 -6.11
C HIS B 59 9.78 23.80 -5.91
N TYR B 60 9.37 23.18 -4.80
CA TYR B 60 9.83 21.84 -4.43
C TYR B 60 9.73 20.87 -5.60
N LEU B 61 8.58 20.89 -6.28
CA LEU B 61 8.32 20.03 -7.43
C LEU B 61 8.98 20.49 -8.72
N LYS B 62 8.86 21.78 -9.00
CA LYS B 62 9.48 22.35 -10.19
C LYS B 62 10.98 22.08 -10.17
N ARG B 63 11.62 22.39 -9.04
CA ARG B 63 13.05 22.19 -8.89
C ARG B 63 13.43 20.72 -8.78
N GLY B 64 12.91 20.04 -7.76
CA GLY B 64 13.22 18.63 -7.61
C GLY B 64 13.11 17.84 -8.92
N LEU B 65 12.26 18.33 -9.82
CA LEU B 65 12.06 17.68 -11.11
C LEU B 65 13.26 17.74 -12.03
N ARG B 66 14.14 18.73 -11.83
CA ARG B 66 15.31 18.90 -12.69
C ARG B 66 16.60 18.45 -12.06
N GLN B 67 16.61 18.32 -10.74
CA GLN B 67 17.82 17.89 -10.03
C GLN B 67 17.51 17.53 -8.58
N LEU B 68 18.18 16.50 -8.06
CA LEU B 68 17.97 16.05 -6.68
C LEU B 68 19.28 15.81 -5.97
N THR B 69 19.37 16.23 -4.70
CA THR B 69 20.61 16.06 -3.93
C THR B 69 21.05 14.62 -3.75
N ASP B 70 22.29 14.46 -3.27
CA ASP B 70 22.87 13.14 -3.06
C ASP B 70 21.99 12.32 -2.12
N ALA B 71 21.08 12.99 -1.43
CA ALA B 71 20.17 12.30 -0.52
C ALA B 71 19.34 11.30 -1.31
N TYR B 72 18.86 11.71 -2.48
CA TYR B 72 18.07 10.83 -3.33
C TYR B 72 18.82 9.64 -3.91
N GLU B 73 20.04 9.41 -3.41
CA GLU B 73 20.83 8.30 -3.87
C GLU B 73 20.13 6.96 -3.67
N CYS B 74 19.14 6.92 -2.78
CA CYS B 74 18.42 5.67 -2.51
C CYS B 74 17.37 5.39 -3.57
N LEU B 75 16.97 6.42 -4.30
CA LEU B 75 15.98 6.23 -5.34
C LEU B 75 16.70 6.04 -6.66
N ASP B 76 18.02 5.98 -6.59
CA ASP B 76 18.84 5.80 -7.77
C ASP B 76 18.20 4.83 -8.74
N ALA B 77 17.62 3.74 -8.24
CA ALA B 77 17.01 2.75 -9.10
C ALA B 77 15.49 2.75 -9.05
N SER B 78 14.90 3.87 -9.45
CA SER B 78 13.45 4.05 -9.47
C SER B 78 13.30 5.45 -9.97
N ARG B 79 14.25 5.89 -10.78
CA ARG B 79 14.18 7.26 -11.26
C ARG B 79 12.92 7.61 -12.04
N PRO B 80 12.36 6.67 -12.80
CA PRO B 80 11.14 7.06 -13.50
C PRO B 80 10.04 7.43 -12.50
N TRP B 81 9.97 6.79 -11.34
CA TRP B 81 8.94 7.20 -10.40
C TRP B 81 9.12 8.67 -10.05
N LEU B 82 10.35 9.04 -9.70
CA LEU B 82 10.67 10.42 -9.34
C LEU B 82 10.16 11.37 -10.40
N CYS B 83 9.92 10.87 -11.60
CA CYS B 83 9.36 11.71 -12.65
C CYS B 83 7.85 11.70 -12.44
N TYR B 84 7.29 10.49 -12.40
CA TYR B 84 5.86 10.31 -12.23
C TYR B 84 5.23 11.06 -11.09
N TRP B 85 5.85 11.05 -9.92
CA TRP B 85 5.21 11.74 -8.80
C TRP B 85 5.09 13.21 -9.09
N ILE B 86 6.22 13.78 -9.48
CA ILE B 86 6.29 15.19 -9.81
C ILE B 86 5.31 15.56 -10.93
N LEU B 87 5.49 15.01 -12.13
CA LEU B 87 4.55 15.35 -13.20
C LEU B 87 3.12 15.24 -12.73
N HIS B 88 2.78 14.17 -12.02
CA HIS B 88 1.41 14.08 -11.54
C HIS B 88 1.17 15.25 -10.61
N SER B 89 1.75 15.17 -9.41
CA SER B 89 1.57 16.22 -8.40
C SER B 89 1.35 17.60 -9.02
N LEU B 90 2.12 17.94 -10.05
CA LEU B 90 1.93 19.24 -10.69
C LEU B 90 0.52 19.28 -11.21
N GLU B 91 0.19 18.37 -12.14
CA GLU B 91 -1.15 18.34 -12.73
C GLU B 91 -2.22 18.51 -11.66
N LEU B 92 -2.10 17.80 -10.54
CA LEU B 92 -3.07 17.95 -9.47
C LEU B 92 -3.14 19.42 -9.10
N LEU B 93 -2.00 19.98 -8.69
CA LEU B 93 -1.92 21.37 -8.30
C LEU B 93 -2.28 22.27 -9.46
N ASP B 94 -1.97 21.80 -10.66
CA ASP B 94 -2.30 22.53 -11.88
C ASP B 94 -1.29 23.60 -12.31
N GLU B 95 -0.15 23.13 -12.81
CA GLU B 95 0.92 23.96 -13.31
C GLU B 95 1.20 23.33 -14.66
N PRO B 96 1.07 24.11 -15.75
CA PRO B 96 1.33 23.49 -17.05
C PRO B 96 2.78 23.02 -17.08
N ILE B 97 2.99 21.83 -17.61
CA ILE B 97 4.33 21.30 -17.69
C ILE B 97 4.98 21.82 -18.97
N PRO B 98 6.09 22.57 -18.82
CA PRO B 98 6.85 23.16 -19.94
C PRO B 98 7.12 22.16 -21.06
N GLN B 99 6.64 22.50 -22.24
CA GLN B 99 6.81 21.65 -23.42
C GLN B 99 8.27 21.42 -23.81
N ILE B 100 9.21 21.91 -23.02
CA ILE B 100 10.61 21.68 -23.33
C ILE B 100 11.11 20.52 -22.48
N VAL B 101 10.59 20.44 -21.25
CA VAL B 101 10.95 19.35 -20.36
C VAL B 101 10.27 18.15 -20.99
N ALA B 102 9.04 18.37 -21.44
CA ALA B 102 8.23 17.34 -22.08
C ALA B 102 9.13 16.39 -22.84
N THR B 103 10.00 16.94 -23.68
CA THR B 103 10.91 16.11 -24.43
C THR B 103 11.84 15.39 -23.46
N ASP B 104 12.70 16.16 -22.80
CA ASP B 104 13.66 15.61 -21.85
C ASP B 104 13.11 14.43 -21.06
N VAL B 105 11.90 14.60 -20.51
CA VAL B 105 11.27 13.53 -19.74
C VAL B 105 11.20 12.32 -20.64
N CYS B 106 10.51 12.48 -21.76
CA CYS B 106 10.37 11.43 -22.74
C CYS B 106 11.75 10.90 -23.10
N GLN B 107 12.65 11.80 -23.52
CA GLN B 107 14.01 11.40 -23.87
C GLN B 107 14.65 10.63 -22.75
N PHE B 108 14.23 10.89 -21.52
CA PHE B 108 14.80 10.15 -20.42
C PHE B 108 14.23 8.75 -20.39
N LEU B 109 12.92 8.66 -20.16
CA LEU B 109 12.24 7.37 -20.09
C LEU B 109 12.59 6.46 -21.28
N GLU B 110 12.81 7.06 -22.44
CA GLU B 110 13.17 6.28 -23.61
C GLU B 110 14.51 5.57 -23.37
N LEU B 111 15.31 6.13 -22.45
CA LEU B 111 16.62 5.59 -22.09
C LEU B 111 16.56 4.47 -21.05
N CYS B 112 15.46 4.39 -20.31
CA CYS B 112 15.32 3.34 -19.31
C CYS B 112 14.71 2.13 -19.96
N GLN B 113 13.81 2.38 -20.90
CA GLN B 113 13.14 1.30 -21.62
C GLN B 113 14.09 0.24 -22.18
N SER B 114 14.05 -0.96 -21.60
CA SER B 114 14.90 -2.07 -22.04
C SER B 114 14.50 -2.52 -23.43
N PRO B 115 15.48 -3.00 -24.21
CA PRO B 115 15.21 -3.47 -25.57
C PRO B 115 14.30 -4.69 -25.49
N ASP B 116 14.09 -5.17 -24.27
CA ASP B 116 13.24 -6.32 -24.03
C ASP B 116 12.02 -5.97 -23.22
N GLY B 117 11.29 -4.94 -23.67
CA GLY B 117 10.06 -4.49 -23.02
C GLY B 117 10.16 -3.95 -21.61
N GLY B 118 9.23 -3.06 -21.26
CA GLY B 118 9.22 -2.48 -19.94
C GLY B 118 10.31 -1.46 -19.76
N PHE B 119 10.35 -0.80 -18.61
CA PHE B 119 11.37 0.21 -18.33
C PHE B 119 12.21 -0.15 -17.11
N GLY B 120 13.32 0.57 -16.94
CA GLY B 120 14.19 0.31 -15.82
C GLY B 120 14.34 1.45 -14.83
N GLY B 121 14.80 1.13 -13.63
CA GLY B 121 14.99 2.13 -12.60
C GLY B 121 15.67 3.38 -13.13
N GLY B 122 16.51 3.18 -14.14
CA GLY B 122 17.24 4.29 -14.75
C GLY B 122 17.97 3.78 -15.98
N PRO B 123 18.75 4.63 -16.66
CA PRO B 123 19.50 4.26 -17.86
C PRO B 123 20.37 3.03 -17.67
N GLY B 124 20.02 1.95 -18.37
CA GLY B 124 20.81 0.72 -18.29
C GLY B 124 20.51 -0.24 -17.14
N GLN B 125 19.26 -0.28 -16.69
CA GLN B 125 18.87 -1.20 -15.63
C GLN B 125 17.83 -2.14 -16.19
N TYR B 126 17.76 -3.35 -15.64
CA TYR B 126 16.81 -4.33 -16.11
C TYR B 126 15.38 -3.83 -15.94
N PRO B 127 14.48 -4.15 -16.88
CA PRO B 127 13.07 -3.76 -16.86
C PRO B 127 12.38 -4.29 -15.62
N HIS B 128 11.45 -3.52 -15.07
CA HIS B 128 10.78 -3.91 -13.85
C HIS B 128 9.43 -3.19 -13.81
N LEU B 129 8.35 -3.94 -13.66
CA LEU B 129 6.98 -3.41 -13.66
C LEU B 129 6.63 -2.19 -12.82
N ALA B 130 7.46 -1.86 -11.83
CA ALA B 130 7.15 -0.68 -11.02
C ALA B 130 7.55 0.54 -11.82
N PRO B 131 8.86 0.70 -12.10
CA PRO B 131 9.26 1.87 -12.87
C PRO B 131 8.45 1.91 -14.16
N THR B 132 8.42 0.77 -14.85
CA THR B 132 7.69 0.59 -16.10
C THR B 132 6.27 1.16 -16.00
N TYR B 133 5.65 0.95 -14.85
CA TYR B 133 4.33 1.49 -14.60
C TYR B 133 4.55 2.98 -14.55
N ALA B 134 5.31 3.42 -13.56
CA ALA B 134 5.64 4.82 -13.37
C ALA B 134 5.86 5.52 -14.71
N ALA B 135 6.84 5.04 -15.47
CA ALA B 135 7.19 5.58 -16.79
C ALA B 135 6.01 5.74 -17.75
N VAL B 136 5.27 4.66 -17.96
CA VAL B 136 4.13 4.66 -18.86
C VAL B 136 3.05 5.55 -18.28
N ASN B 137 2.66 5.29 -17.04
CA ASN B 137 1.64 6.09 -16.37
C ASN B 137 2.08 7.57 -16.38
N ALA B 138 3.37 7.79 -16.59
CA ALA B 138 3.92 9.15 -16.65
C ALA B 138 3.76 9.69 -18.06
N LEU B 139 4.41 9.02 -19.01
CA LEU B 139 4.33 9.40 -20.41
C LEU B 139 2.91 9.83 -20.75
N CYS B 140 1.92 9.14 -20.19
CA CYS B 140 0.54 9.47 -20.47
C CYS B 140 0.05 10.81 -19.94
N ILE B 141 0.67 11.32 -18.88
CA ILE B 141 0.26 12.62 -18.35
C ILE B 141 0.63 13.64 -19.40
N ILE B 142 1.78 13.42 -20.03
CA ILE B 142 2.27 14.31 -21.07
C ILE B 142 1.37 14.21 -22.29
N GLY B 143 0.82 13.02 -22.53
CA GLY B 143 -0.09 12.82 -23.66
C GLY B 143 0.18 13.59 -24.96
N THR B 144 1.31 13.29 -25.60
CA THR B 144 1.69 13.93 -26.85
C THR B 144 2.12 12.86 -27.83
N GLU B 145 2.01 13.19 -29.10
CA GLU B 145 2.40 12.27 -30.15
C GLU B 145 3.83 11.85 -29.84
N GLU B 146 4.49 12.60 -28.95
CA GLU B 146 5.86 12.29 -28.57
C GLU B 146 5.93 11.24 -27.44
N ALA B 147 5.17 11.47 -26.38
CA ALA B 147 5.16 10.53 -25.26
C ALA B 147 4.66 9.17 -25.74
N TYR B 148 3.41 9.15 -26.20
CA TYR B 148 2.78 7.92 -26.68
C TYR B 148 3.70 7.05 -27.55
N ASN B 149 4.56 7.70 -28.33
CA ASN B 149 5.46 6.96 -29.20
C ASN B 149 6.67 6.38 -28.50
N VAL B 150 7.00 6.92 -27.32
CA VAL B 150 8.14 6.45 -26.52
C VAL B 150 8.05 4.96 -26.25
N ILE B 151 6.86 4.57 -25.81
CA ILE B 151 6.52 3.21 -25.48
C ILE B 151 6.55 2.24 -26.66
N ASN B 152 7.30 1.17 -26.53
CA ASN B 152 7.39 0.17 -27.59
C ASN B 152 6.34 -0.89 -27.28
N ARG B 153 5.07 -0.53 -27.44
CA ARG B 153 3.94 -1.45 -27.17
C ARG B 153 4.13 -2.90 -27.59
N GLU B 154 4.97 -3.13 -28.59
CA GLU B 154 5.23 -4.48 -29.07
C GLU B 154 5.95 -5.21 -27.96
N LYS B 155 7.19 -4.79 -27.72
CA LYS B 155 8.04 -5.37 -26.69
C LYS B 155 7.40 -5.39 -25.31
N LEU B 156 6.75 -4.28 -24.94
CA LEU B 156 6.11 -4.19 -23.63
C LEU B 156 5.32 -5.44 -23.38
N LEU B 157 4.56 -5.84 -24.39
CA LEU B 157 3.72 -7.02 -24.33
C LEU B 157 4.54 -8.30 -24.09
N GLN B 158 5.66 -8.44 -24.80
CA GLN B 158 6.51 -9.61 -24.66
C GLN B 158 7.05 -9.70 -23.26
N TYR B 159 7.52 -8.56 -22.75
CA TYR B 159 8.04 -8.48 -21.39
C TYR B 159 6.95 -9.01 -20.46
N LEU B 160 5.78 -8.40 -20.52
CA LEU B 160 4.66 -8.84 -19.70
C LEU B 160 4.53 -10.34 -19.77
N TYR B 161 4.35 -10.87 -20.97
CA TYR B 161 4.22 -12.31 -21.11
C TYR B 161 5.34 -13.10 -20.44
N SER B 162 6.49 -12.48 -20.22
CA SER B 162 7.58 -13.19 -19.58
C SER B 162 7.31 -13.31 -18.09
N LEU B 163 7.00 -12.20 -17.45
CA LEU B 163 6.74 -12.23 -16.01
C LEU B 163 5.53 -13.09 -15.71
N LYS B 164 4.74 -13.37 -16.74
CA LYS B 164 3.53 -14.16 -16.60
C LYS B 164 3.77 -15.54 -15.98
N GLN B 165 3.02 -15.81 -14.92
CA GLN B 165 3.12 -17.06 -14.19
C GLN B 165 1.90 -17.93 -14.40
N PRO B 166 2.03 -19.23 -14.10
CA PRO B 166 0.95 -20.20 -14.22
C PRO B 166 -0.30 -19.86 -13.40
N ASP B 167 -0.17 -19.78 -12.08
CA ASP B 167 -1.34 -19.49 -11.26
C ASP B 167 -1.99 -18.16 -11.64
N GLY B 168 -1.36 -17.41 -12.53
CA GLY B 168 -1.95 -16.15 -12.94
C GLY B 168 -1.15 -14.91 -12.59
N SER B 169 -0.76 -14.76 -11.33
CA SER B 169 0.00 -13.60 -10.91
C SER B 169 1.34 -13.52 -11.67
N PHE B 170 1.78 -12.31 -11.99
CA PHE B 170 3.04 -12.10 -12.70
C PHE B 170 4.14 -11.85 -11.70
N LEU B 171 5.39 -11.97 -12.13
CA LEU B 171 6.51 -11.69 -11.26
C LEU B 171 6.60 -10.21 -11.32
N MET B 172 7.44 -9.64 -10.46
CA MET B 172 7.60 -8.19 -10.44
C MET B 172 8.57 -7.90 -11.55
N HIS B 173 9.76 -8.47 -11.45
CA HIS B 173 10.78 -8.32 -12.47
C HIS B 173 11.30 -9.73 -12.72
N VAL B 174 12.18 -9.90 -13.69
CA VAL B 174 12.70 -11.24 -13.97
C VAL B 174 13.38 -11.83 -12.76
N GLY B 175 12.82 -12.91 -12.24
CA GLY B 175 13.40 -13.55 -11.07
C GLY B 175 13.07 -12.78 -9.81
N GLY B 176 12.13 -11.85 -9.93
CA GLY B 176 11.71 -11.04 -8.80
C GLY B 176 10.59 -11.69 -8.00
N GLU B 177 9.80 -10.88 -7.30
CA GLU B 177 8.72 -11.41 -6.46
C GLU B 177 7.33 -11.33 -7.09
N VAL B 178 6.32 -11.66 -6.29
CA VAL B 178 4.95 -11.60 -6.75
C VAL B 178 3.98 -11.18 -5.64
N ASP B 179 3.13 -10.22 -5.98
CA ASP B 179 2.09 -9.74 -5.09
C ASP B 179 1.21 -8.84 -5.93
N VAL B 180 -0.01 -8.61 -5.48
CA VAL B 180 -0.97 -7.79 -6.21
C VAL B 180 -0.26 -6.67 -6.96
N ARG B 181 0.63 -5.98 -6.25
CA ARG B 181 1.39 -4.88 -6.79
C ARG B 181 1.75 -5.21 -8.24
N SER B 182 2.16 -6.44 -8.48
CA SER B 182 2.54 -6.87 -9.82
C SER B 182 1.39 -6.74 -10.81
N ALA B 183 0.31 -7.48 -10.58
CA ALA B 183 -0.84 -7.49 -11.47
C ALA B 183 -1.33 -6.12 -11.86
N TYR B 184 -1.41 -5.23 -10.87
CA TYR B 184 -1.88 -3.85 -11.09
C TYR B 184 -1.05 -3.15 -12.12
N CYS B 185 0.26 -3.31 -12.02
CA CYS B 185 1.13 -2.69 -12.99
C CYS B 185 0.84 -3.27 -14.37
N ALA B 186 0.89 -4.60 -14.50
CA ALA B 186 0.59 -5.21 -15.79
C ALA B 186 -0.68 -4.56 -16.33
N ALA B 187 -1.81 -4.84 -15.68
CA ALA B 187 -3.13 -4.31 -16.05
C ALA B 187 -3.09 -2.83 -16.44
N SER B 188 -2.78 -1.97 -15.46
CA SER B 188 -2.68 -0.52 -15.66
C SER B 188 -2.01 -0.14 -16.97
N VAL B 189 -0.92 -0.83 -17.27
CA VAL B 189 -0.16 -0.59 -18.48
C VAL B 189 -0.85 -1.13 -19.72
N ALA B 190 -0.92 -2.46 -19.81
CA ALA B 190 -1.55 -3.12 -20.95
C ALA B 190 -2.82 -2.41 -21.41
N SER B 191 -3.71 -2.11 -20.46
CA SER B 191 -4.97 -1.46 -20.80
C SER B 191 -4.71 -0.14 -21.47
N LEU B 192 -3.87 0.71 -20.89
CA LEU B 192 -3.60 2.00 -21.52
C LEU B 192 -3.06 1.83 -22.92
N THR B 193 -1.95 1.14 -23.07
CA THR B 193 -1.42 0.93 -24.41
C THR B 193 -2.24 -0.12 -25.16
N ASN B 194 -3.45 -0.39 -24.68
CA ASN B 194 -4.33 -1.38 -25.30
C ASN B 194 -3.56 -2.51 -25.97
N ILE B 195 -2.98 -3.38 -25.15
CA ILE B 195 -2.20 -4.51 -25.66
C ILE B 195 -2.62 -5.81 -24.99
N ILE B 196 -3.90 -5.95 -24.68
CA ILE B 196 -4.38 -7.15 -24.00
C ILE B 196 -4.94 -8.26 -24.90
N THR B 197 -4.36 -9.44 -24.79
CA THR B 197 -4.83 -10.56 -25.56
C THR B 197 -5.79 -11.31 -24.64
N PRO B 198 -6.76 -12.05 -25.20
CA PRO B 198 -7.72 -12.79 -24.38
C PRO B 198 -7.09 -13.91 -23.54
N ASP B 199 -5.77 -14.04 -23.63
CA ASP B 199 -5.08 -15.09 -22.89
C ASP B 199 -3.96 -14.57 -21.98
N LEU B 200 -3.96 -13.26 -21.71
CA LEU B 200 -2.93 -12.67 -20.87
C LEU B 200 -3.18 -12.93 -19.40
N PHE B 201 -4.12 -12.20 -18.82
CA PHE B 201 -4.44 -12.34 -17.40
C PHE B 201 -5.29 -13.57 -17.07
N GLU B 202 -5.14 -14.62 -17.86
CA GLU B 202 -5.93 -15.82 -17.63
C GLU B 202 -5.68 -16.36 -16.23
N GLY B 203 -6.65 -16.15 -15.36
CA GLY B 203 -6.56 -16.61 -13.99
C GLY B 203 -6.25 -15.48 -13.04
N THR B 204 -5.58 -14.46 -13.55
CA THR B 204 -5.20 -13.31 -12.72
C THR B 204 -6.35 -12.79 -11.87
N ALA B 205 -7.54 -12.62 -12.44
CA ALA B 205 -8.63 -12.14 -11.60
C ALA B 205 -8.74 -13.13 -10.43
N GLU B 206 -8.81 -14.41 -10.78
CA GLU B 206 -8.93 -15.49 -9.81
C GLU B 206 -7.94 -15.43 -8.67
N TRP B 207 -6.70 -15.03 -8.99
CA TRP B 207 -5.61 -14.92 -8.01
C TRP B 207 -5.81 -13.71 -7.09
N ILE B 208 -6.04 -12.55 -7.69
CA ILE B 208 -6.24 -11.33 -6.95
C ILE B 208 -7.32 -11.51 -5.91
N ALA B 209 -8.17 -12.51 -6.13
CA ALA B 209 -9.25 -12.80 -5.21
C ALA B 209 -8.70 -13.63 -4.06
N ARG B 210 -7.90 -14.63 -4.37
CA ARG B 210 -7.33 -15.47 -3.33
C ARG B 210 -6.58 -14.58 -2.35
N CYS B 211 -6.40 -13.32 -2.73
CA CYS B 211 -5.71 -12.41 -1.85
C CYS B 211 -6.62 -11.87 -0.74
N GLN B 212 -7.88 -11.59 -1.06
CA GLN B 212 -8.81 -11.06 -0.06
C GLN B 212 -8.94 -12.02 1.11
N ASN B 213 -8.35 -11.67 2.25
CA ASN B 213 -8.38 -12.54 3.43
C ASN B 213 -9.64 -12.45 4.27
N TRP B 214 -9.51 -12.92 5.50
CA TRP B 214 -10.61 -12.91 6.45
C TRP B 214 -11.04 -11.52 6.83
N GLU B 215 -10.18 -10.53 6.58
CA GLU B 215 -10.52 -9.14 6.93
C GLU B 215 -11.26 -8.40 5.85
N GLY B 216 -11.62 -9.10 4.78
CA GLY B 216 -12.34 -8.42 3.72
C GLY B 216 -11.44 -7.57 2.83
N GLY B 217 -10.31 -7.10 3.36
CA GLY B 217 -9.40 -6.32 2.53
C GLY B 217 -8.55 -7.28 1.71
N ILE B 218 -7.48 -6.81 1.07
CA ILE B 218 -6.60 -7.69 0.32
C ILE B 218 -5.18 -7.57 0.88
N GLY B 219 -4.37 -8.61 0.70
CA GLY B 219 -2.99 -8.59 1.19
C GLY B 219 -1.97 -8.79 0.07
N GLY B 220 -0.70 -8.57 0.35
CA GLY B 220 0.30 -8.75 -0.68
C GLY B 220 0.10 -10.04 -1.46
N VAL B 221 0.30 -11.16 -0.80
CA VAL B 221 0.11 -12.45 -1.42
C VAL B 221 -0.78 -13.27 -0.50
N PRO B 222 -1.58 -14.15 -1.08
CA PRO B 222 -2.50 -15.01 -0.33
C PRO B 222 -2.07 -15.35 1.09
N GLY B 223 -2.95 -15.04 2.04
CA GLY B 223 -2.64 -15.36 3.42
C GLY B 223 -2.02 -14.21 4.17
N MET B 224 -1.61 -13.19 3.45
CA MET B 224 -1.02 -12.03 4.09
C MET B 224 -2.04 -11.00 4.51
N GLU B 225 -1.78 -10.42 5.69
CA GLU B 225 -2.60 -9.39 6.28
C GLU B 225 -3.19 -8.41 5.28
N ALA B 226 -4.34 -7.86 5.62
CA ALA B 226 -4.99 -6.90 4.76
C ALA B 226 -4.11 -5.67 4.76
N HIS B 227 -3.97 -5.04 3.59
CA HIS B 227 -3.14 -3.85 3.47
C HIS B 227 -3.73 -2.96 2.39
N GLY B 228 -3.85 -1.68 2.72
CA GLY B 228 -4.42 -0.72 1.79
C GLY B 228 -3.72 -0.55 0.44
N GLY B 229 -2.40 -0.49 0.45
CA GLY B 229 -1.71 -0.31 -0.81
C GLY B 229 -1.99 -1.45 -1.78
N TYR B 230 -1.81 -2.67 -1.30
CA TYR B 230 -2.03 -3.84 -2.13
C TYR B 230 -3.49 -3.90 -2.53
N THR B 231 -4.36 -3.67 -1.55
CA THR B 231 -5.79 -3.66 -1.79
C THR B 231 -6.09 -2.79 -3.01
N PHE B 232 -5.71 -1.52 -2.97
CA PHE B 232 -5.93 -0.63 -4.12
C PHE B 232 -5.49 -1.39 -5.37
N CYS B 233 -4.29 -1.97 -5.32
CA CYS B 233 -3.75 -2.69 -6.45
C CYS B 233 -4.71 -3.74 -6.91
N GLY B 234 -5.05 -4.62 -5.99
CA GLY B 234 -5.95 -5.71 -6.30
C GLY B 234 -7.27 -5.29 -6.90
N LEU B 235 -7.95 -4.35 -6.24
CA LEU B 235 -9.24 -3.92 -6.71
C LEU B 235 -9.12 -3.25 -8.08
N ALA B 236 -8.28 -2.22 -8.14
CA ALA B 236 -8.04 -1.47 -9.36
C ALA B 236 -7.76 -2.39 -10.54
N ALA B 237 -6.93 -3.39 -10.33
CA ALA B 237 -6.57 -4.32 -11.38
C ALA B 237 -7.81 -5.02 -11.89
N LEU B 238 -8.72 -5.30 -10.96
CA LEU B 238 -9.97 -5.98 -11.27
C LEU B 238 -10.99 -5.04 -11.89
N VAL B 239 -10.85 -3.74 -11.63
CA VAL B 239 -11.79 -2.79 -12.21
C VAL B 239 -11.35 -2.70 -13.67
N ILE B 240 -10.07 -2.94 -13.92
CA ILE B 240 -9.54 -2.93 -15.27
C ILE B 240 -10.03 -4.23 -15.90
N LEU B 241 -9.65 -5.32 -15.24
CA LEU B 241 -10.02 -6.66 -15.70
C LEU B 241 -11.53 -6.88 -15.76
N LYS B 242 -12.28 -5.89 -15.30
CA LYS B 242 -13.74 -5.92 -15.29
C LYS B 242 -14.25 -7.12 -14.50
N LYS B 243 -13.67 -7.33 -13.31
CA LYS B 243 -14.03 -8.46 -12.46
C LYS B 243 -14.38 -8.07 -11.03
N GLU B 244 -14.48 -6.77 -10.74
CA GLU B 244 -14.80 -6.31 -9.39
C GLU B 244 -15.59 -7.35 -8.59
N ARG B 245 -16.78 -7.65 -9.06
CA ARG B 245 -17.66 -8.58 -8.38
C ARG B 245 -17.05 -9.91 -7.97
N SER B 246 -15.88 -10.25 -8.50
CA SER B 246 -15.21 -11.51 -8.15
C SER B 246 -14.89 -11.59 -6.66
N LEU B 247 -14.85 -10.46 -5.99
CA LEU B 247 -14.53 -10.41 -4.57
C LEU B 247 -15.79 -10.31 -3.74
N ASN B 248 -15.60 -10.29 -2.43
CA ASN B 248 -16.72 -10.12 -1.52
C ASN B 248 -16.74 -8.63 -1.26
N LEU B 249 -17.36 -7.89 -2.17
CA LEU B 249 -17.45 -6.45 -2.05
C LEU B 249 -17.94 -5.97 -0.70
N LYS B 250 -18.88 -6.67 -0.08
CA LYS B 250 -19.36 -6.20 1.21
C LYS B 250 -18.31 -6.40 2.31
N SER B 251 -17.60 -7.51 2.26
CA SER B 251 -16.59 -7.75 3.28
C SER B 251 -15.44 -6.76 3.07
N LEU B 252 -15.36 -6.20 1.87
CA LEU B 252 -14.31 -5.23 1.55
C LEU B 252 -14.63 -3.83 2.05
N LEU B 253 -15.79 -3.32 1.67
CA LEU B 253 -16.24 -2.00 2.08
C LEU B 253 -16.12 -1.81 3.59
N GLN B 254 -16.66 -2.78 4.32
CA GLN B 254 -16.65 -2.79 5.77
C GLN B 254 -15.25 -2.42 6.26
N TRP B 255 -14.24 -3.08 5.69
CA TRP B 255 -12.84 -2.85 6.05
C TRP B 255 -12.34 -1.44 5.72
N VAL B 256 -12.19 -1.12 4.43
CA VAL B 256 -11.72 0.20 4.01
C VAL B 256 -12.23 1.22 5.00
N THR B 257 -13.55 1.31 5.08
CA THR B 257 -14.17 2.25 5.97
C THR B 257 -13.53 2.23 7.36
N SER B 258 -13.30 1.05 7.92
CA SER B 258 -12.68 1.02 9.25
C SER B 258 -11.24 1.54 9.23
N ARG B 259 -10.68 1.72 8.04
CA ARG B 259 -9.31 2.20 7.91
C ARG B 259 -9.14 3.69 8.23
N GLN B 260 -10.23 4.42 8.30
CA GLN B 260 -10.11 5.82 8.63
C GLN B 260 -10.03 5.96 10.14
N MET B 261 -9.22 6.91 10.59
CA MET B 261 -9.04 7.12 12.02
C MET B 261 -10.19 7.93 12.64
N ARG B 262 -10.86 7.35 13.65
CA ARG B 262 -11.97 8.04 14.29
C ARG B 262 -11.53 9.32 14.95
N PHE B 263 -10.25 9.67 14.83
CA PHE B 263 -9.74 10.91 15.43
C PHE B 263 -9.07 11.80 14.39
N GLU B 264 -7.84 11.43 14.04
CA GLU B 264 -7.03 12.15 13.06
C GLU B 264 -7.85 12.56 11.82
N GLY B 265 -8.36 11.58 11.08
CA GLY B 265 -9.16 11.88 9.91
C GLY B 265 -8.65 11.23 8.64
N GLY B 266 -7.40 10.75 8.69
CA GLY B 266 -6.80 10.11 7.54
C GLY B 266 -6.93 8.61 7.68
N PHE B 267 -6.16 7.87 6.91
CA PHE B 267 -6.24 6.42 7.00
C PHE B 267 -5.02 5.71 7.54
N GLN B 268 -5.22 4.44 7.87
CA GLN B 268 -4.19 3.56 8.39
C GLN B 268 -4.16 2.42 7.38
N GLY B 269 -2.99 2.11 6.85
CA GLY B 269 -2.92 1.03 5.88
C GLY B 269 -3.32 -0.32 6.43
N ARG B 270 -3.29 -0.49 7.74
CA ARG B 270 -3.66 -1.76 8.35
C ARG B 270 -4.24 -1.59 9.75
N CYS B 271 -5.26 -2.40 10.07
CA CYS B 271 -5.91 -2.37 11.38
C CYS B 271 -4.91 -2.30 12.54
N ASN B 272 -5.07 -1.31 13.41
CA ASN B 272 -4.14 -1.14 14.52
C ASN B 272 -2.72 -0.79 14.06
N LYS B 273 -2.63 0.29 13.29
CA LYS B 273 -1.35 0.81 12.80
C LYS B 273 -1.50 2.30 12.58
N LEU B 274 -0.50 3.08 12.96
CA LEU B 274 -0.56 4.54 12.82
C LEU B 274 -1.10 5.03 11.49
N VAL B 275 -1.70 6.23 11.52
CA VAL B 275 -2.27 6.87 10.34
C VAL B 275 -1.14 7.26 9.39
N ASP B 276 -1.46 7.57 8.15
CA ASP B 276 -0.40 7.95 7.20
C ASP B 276 -0.92 8.52 5.89
N GLY B 277 -0.65 9.81 5.72
CA GLY B 277 -1.05 10.51 4.52
C GLY B 277 -1.17 9.75 3.22
N CYS B 278 -0.08 9.22 2.68
CA CYS B 278 -0.16 8.56 1.38
C CYS B 278 -1.35 7.65 1.26
N TYR B 279 -1.74 7.02 2.36
CA TYR B 279 -2.89 6.14 2.33
C TYR B 279 -4.18 6.92 2.10
N SER B 280 -4.10 8.24 2.19
CA SER B 280 -5.29 9.04 1.97
C SER B 280 -5.81 8.75 0.58
N PHE B 281 -4.93 8.24 -0.28
CA PHE B 281 -5.32 7.86 -1.63
C PHE B 281 -5.46 6.34 -1.75
N TRP B 282 -4.51 5.64 -1.15
CA TRP B 282 -4.50 4.19 -1.16
C TRP B 282 -5.78 3.64 -0.61
N GLN B 283 -6.23 4.20 0.50
CA GLN B 283 -7.45 3.72 1.12
C GLN B 283 -8.64 4.45 0.54
N ALA B 284 -8.74 5.73 0.85
CA ALA B 284 -9.84 6.52 0.35
C ALA B 284 -9.88 6.45 -1.18
N GLY B 285 -8.86 5.89 -1.80
CA GLY B 285 -8.87 5.81 -3.25
C GLY B 285 -9.85 4.73 -3.63
N LEU B 286 -10.01 3.78 -2.71
CA LEU B 286 -10.88 2.63 -2.88
C LEU B 286 -12.38 2.91 -3.05
N LEU B 287 -12.94 3.79 -2.23
CA LEU B 287 -14.36 4.07 -2.32
C LEU B 287 -14.83 4.51 -3.72
N PRO B 288 -14.11 5.42 -4.39
CA PRO B 288 -14.52 5.88 -5.73
C PRO B 288 -14.55 4.70 -6.70
N LEU B 289 -13.92 3.60 -6.30
CA LEU B 289 -13.91 2.40 -7.11
C LEU B 289 -15.09 1.57 -6.63
N LEU B 290 -15.13 1.29 -5.33
CA LEU B 290 -16.21 0.54 -4.73
C LEU B 290 -17.56 1.13 -5.15
N HIS B 291 -17.56 2.42 -5.48
CA HIS B 291 -18.78 3.08 -5.92
C HIS B 291 -19.12 2.48 -7.29
N ARG B 292 -18.22 2.66 -8.26
CA ARG B 292 -18.44 2.12 -9.61
C ARG B 292 -18.82 0.65 -9.53
N ALA B 293 -18.34 -0.01 -8.48
CA ALA B 293 -18.60 -1.43 -8.27
C ALA B 293 -20.06 -1.69 -7.98
N LEU B 294 -20.54 -1.14 -6.87
CA LEU B 294 -21.91 -1.32 -6.45
C LEU B 294 -22.85 -0.82 -7.53
N HIS B 295 -22.83 0.49 -7.77
CA HIS B 295 -23.69 1.09 -8.79
C HIS B 295 -23.79 0.16 -9.99
N ALA B 296 -22.65 -0.25 -10.53
CA ALA B 296 -22.67 -1.16 -11.67
C ALA B 296 -23.47 -2.40 -11.30
N GLN B 297 -23.08 -3.03 -10.21
CA GLN B 297 -23.74 -4.23 -9.72
C GLN B 297 -25.24 -3.99 -9.64
N GLY B 298 -25.62 -2.71 -9.53
CA GLY B 298 -27.03 -2.34 -9.46
C GLY B 298 -27.56 -2.12 -8.06
N ASP B 299 -26.87 -1.30 -7.28
CA ASP B 299 -27.26 -1.03 -5.91
C ASP B 299 -27.81 0.38 -5.73
N PRO B 300 -29.02 0.50 -5.17
CA PRO B 300 -29.68 1.78 -4.92
C PRO B 300 -28.94 2.63 -3.89
N ALA B 301 -29.14 2.29 -2.62
CA ALA B 301 -28.55 2.97 -1.46
C ALA B 301 -27.41 3.96 -1.72
N LEU B 302 -26.42 3.54 -2.51
CA LEU B 302 -25.29 4.40 -2.83
C LEU B 302 -25.69 5.87 -2.89
N SER B 303 -24.96 6.71 -2.16
CA SER B 303 -25.21 8.14 -2.14
C SER B 303 -25.11 8.72 -3.56
N MET B 304 -25.31 10.02 -3.69
CA MET B 304 -25.24 10.67 -4.99
C MET B 304 -24.48 11.96 -4.75
N SER B 305 -23.99 12.11 -3.52
CA SER B 305 -23.26 13.30 -3.11
C SER B 305 -21.79 13.08 -2.78
N HIS B 306 -21.49 12.15 -1.87
CA HIS B 306 -20.09 11.91 -1.47
C HIS B 306 -19.60 10.48 -1.74
N TRP B 307 -18.45 10.16 -1.13
CA TRP B 307 -17.85 8.83 -1.21
C TRP B 307 -18.18 8.28 0.17
N MET B 308 -18.05 6.98 0.41
CA MET B 308 -18.40 6.50 1.74
C MET B 308 -17.40 6.71 2.88
N PHE B 309 -16.75 7.87 2.90
CA PHE B 309 -15.81 8.17 3.99
C PHE B 309 -15.88 9.64 4.32
N HIS B 310 -15.50 9.98 5.54
CA HIS B 310 -15.53 11.36 5.97
C HIS B 310 -14.54 12.17 5.15
N GLN B 311 -15.03 12.79 4.09
CA GLN B 311 -14.21 13.60 3.19
C GLN B 311 -13.64 14.83 3.86
N GLN B 312 -14.43 15.42 4.76
CA GLN B 312 -13.98 16.62 5.45
C GLN B 312 -12.83 16.24 6.37
N ALA B 313 -13.11 15.39 7.36
CA ALA B 313 -12.08 14.95 8.31
C ALA B 313 -10.80 14.47 7.64
N LEU B 314 -10.85 14.15 6.36
CA LEU B 314 -9.66 13.71 5.67
C LEU B 314 -8.88 14.96 5.25
N GLN B 315 -9.56 15.85 4.53
CA GLN B 315 -8.94 17.09 4.08
C GLN B 315 -8.47 17.83 5.32
N GLU B 316 -9.30 17.81 6.36
CA GLU B 316 -8.96 18.47 7.62
C GLU B 316 -7.73 17.92 8.28
N TYR B 317 -7.19 16.85 7.72
CA TYR B 317 -5.97 16.24 8.26
C TYR B 317 -4.85 16.54 7.28
N ILE B 318 -5.07 16.22 6.00
CA ILE B 318 -4.08 16.45 4.95
C ILE B 318 -3.60 17.89 5.06
N LEU B 319 -4.52 18.79 5.40
CA LEU B 319 -4.22 20.21 5.48
C LEU B 319 -3.56 20.67 6.77
N MET B 320 -4.09 20.23 7.90
CA MET B 320 -3.51 20.64 9.17
C MET B 320 -2.35 19.77 9.65
N CYS B 321 -2.11 18.63 9.03
CA CYS B 321 -1.03 17.76 9.54
C CYS B 321 -0.02 17.22 8.52
N CYS B 322 -0.28 17.38 7.23
CA CYS B 322 0.58 16.83 6.17
C CYS B 322 1.35 17.79 5.26
N GLN B 323 1.15 19.10 5.43
CA GLN B 323 1.87 20.04 4.58
C GLN B 323 3.15 20.48 5.24
N CYS B 324 4.18 20.73 4.44
CA CYS B 324 5.44 21.18 4.98
C CYS B 324 5.55 22.70 4.86
N PRO B 325 6.06 23.37 5.91
CA PRO B 325 6.20 24.82 5.89
C PRO B 325 7.02 25.16 4.65
N ALA B 326 8.17 24.51 4.57
CA ALA B 326 9.09 24.68 3.45
C ALA B 326 8.39 24.28 2.14
N GLY B 327 7.64 23.19 2.17
CA GLY B 327 6.96 22.75 0.96
C GLY B 327 6.81 21.25 0.87
N GLY B 328 5.97 20.80 -0.05
CA GLY B 328 5.73 19.37 -0.21
C GLY B 328 4.91 18.86 0.96
N LEU B 329 4.30 17.69 0.81
CA LEU B 329 3.50 17.11 1.89
C LEU B 329 4.21 15.92 2.52
N LEU B 330 3.61 15.36 3.56
CA LEU B 330 4.25 14.26 4.25
C LEU B 330 3.35 13.25 4.95
N ASP B 331 4.01 12.32 5.63
CA ASP B 331 3.38 11.23 6.39
C ASP B 331 2.52 11.82 7.49
N LYS B 332 3.14 12.04 8.64
CA LYS B 332 2.45 12.63 9.77
C LYS B 332 3.36 13.74 10.24
N PRO B 333 2.84 14.70 11.02
CA PRO B 333 3.61 15.83 11.51
C PRO B 333 4.99 15.49 12.05
N GLY B 334 5.99 16.16 11.49
CA GLY B 334 7.35 15.93 11.90
C GLY B 334 7.90 14.71 11.19
N LYS B 335 8.00 14.80 9.87
CA LYS B 335 8.53 13.70 9.09
C LYS B 335 9.01 14.17 7.70
N SER B 336 10.31 14.01 7.45
CA SER B 336 10.97 14.40 6.20
C SER B 336 10.14 14.27 4.93
N ARG B 337 9.73 15.41 4.38
CA ARG B 337 8.93 15.44 3.16
C ARG B 337 9.61 14.68 2.04
N ASP B 338 8.83 14.09 1.14
CA ASP B 338 9.38 13.39 -0.02
C ASP B 338 8.37 13.32 -1.16
N PHE B 339 8.88 13.45 -2.37
CA PHE B 339 8.06 13.44 -3.56
C PHE B 339 7.01 12.35 -3.65
N TYR B 340 7.20 11.26 -2.91
CA TYR B 340 6.20 10.18 -2.92
C TYR B 340 4.97 10.79 -2.26
N HIS B 341 5.03 10.96 -0.95
CA HIS B 341 3.90 11.53 -0.25
C HIS B 341 3.41 12.76 -0.99
N THR B 342 4.29 13.72 -1.21
CA THR B 342 3.94 14.95 -1.91
C THR B 342 3.00 14.66 -3.08
N CYS B 343 3.05 13.41 -3.54
CA CYS B 343 2.21 12.95 -4.63
C CYS B 343 0.90 12.37 -4.13
N TYR B 344 1.01 11.17 -3.56
CA TYR B 344 -0.15 10.47 -3.03
C TYR B 344 -0.87 11.18 -1.88
N CYS B 345 -0.21 12.15 -1.25
CA CYS B 345 -0.84 12.87 -0.13
C CYS B 345 -1.83 13.87 -0.72
N LEU B 346 -1.58 14.28 -1.96
CA LEU B 346 -2.43 15.22 -2.68
C LEU B 346 -3.47 14.42 -3.42
N SER B 347 -3.04 13.37 -4.10
CA SER B 347 -4.01 12.55 -4.81
C SER B 347 -5.12 12.23 -3.81
N GLY B 348 -4.72 12.04 -2.56
CA GLY B 348 -5.67 11.73 -1.50
C GLY B 348 -6.53 12.90 -1.08
N LEU B 349 -6.25 14.08 -1.63
CA LEU B 349 -7.02 15.28 -1.32
C LEU B 349 -8.01 15.44 -2.45
N SER B 350 -7.55 15.22 -3.69
CA SER B 350 -8.42 15.33 -4.85
C SER B 350 -9.58 14.39 -4.62
N ILE B 351 -9.28 13.15 -4.25
CA ILE B 351 -10.31 12.17 -3.98
C ILE B 351 -11.37 12.77 -3.05
N ALA B 352 -10.92 13.18 -1.86
CA ALA B 352 -11.80 13.75 -0.85
C ALA B 352 -12.53 15.05 -1.22
N GLN B 353 -12.08 15.73 -2.27
CA GLN B 353 -12.73 16.99 -2.66
C GLN B 353 -13.74 16.78 -3.77
N HIS B 354 -13.46 15.83 -4.65
CA HIS B 354 -14.33 15.57 -5.80
C HIS B 354 -15.16 14.31 -5.75
N PHE B 355 -16.33 14.39 -6.40
CA PHE B 355 -17.28 13.28 -6.50
C PHE B 355 -17.88 13.29 -7.90
N GLY B 356 -18.02 12.12 -8.49
CA GLY B 356 -18.57 12.06 -9.83
C GLY B 356 -19.25 10.76 -10.19
N SER B 357 -20.10 10.26 -9.30
CA SER B 357 -20.82 9.01 -9.52
C SER B 357 -22.09 9.27 -10.33
N GLY B 358 -21.97 9.18 -11.65
CA GLY B 358 -23.09 9.43 -12.53
C GLY B 358 -22.77 10.71 -13.28
N ALA B 359 -23.72 11.20 -14.07
CA ALA B 359 -23.48 12.44 -14.81
C ALA B 359 -23.38 13.61 -13.84
N MET B 360 -23.92 13.41 -12.64
CA MET B 360 -23.94 14.43 -11.58
C MET B 360 -22.59 14.59 -10.87
N LEU B 361 -22.37 15.77 -10.29
CA LEU B 361 -21.13 16.10 -9.58
C LEU B 361 -21.39 17.00 -8.37
N HIS B 362 -20.52 16.89 -7.37
CA HIS B 362 -20.63 17.70 -6.15
C HIS B 362 -19.33 17.61 -5.37
N ASP B 363 -18.62 18.73 -5.30
CA ASP B 363 -17.35 18.77 -4.59
C ASP B 363 -17.55 19.16 -3.13
N VAL B 364 -16.49 19.12 -2.35
CA VAL B 364 -16.53 19.49 -0.93
C VAL B 364 -15.14 20.03 -0.62
N VAL B 365 -14.93 21.29 -1.02
CA VAL B 365 -13.66 21.92 -0.85
C VAL B 365 -13.49 22.62 0.47
N MET B 366 -12.79 21.96 1.38
CA MET B 366 -12.48 22.51 2.69
C MET B 366 -11.32 23.45 2.50
N GLY B 367 -11.15 24.38 3.46
CA GLY B 367 -10.08 25.34 3.35
C GLY B 367 -10.50 26.45 2.41
N VAL B 368 -9.52 27.21 1.95
CA VAL B 368 -9.77 28.32 1.03
C VAL B 368 -10.08 27.83 -0.39
N PRO B 369 -11.03 28.48 -1.08
CA PRO B 369 -11.45 28.13 -2.44
C PRO B 369 -10.29 27.94 -3.42
N GLU B 370 -9.08 28.22 -2.96
CA GLU B 370 -7.89 28.06 -3.78
C GLU B 370 -7.17 26.76 -3.42
N ASN B 371 -7.95 25.79 -2.94
CA ASN B 371 -7.38 24.49 -2.59
C ASN B 371 -7.96 23.37 -3.44
N VAL B 372 -8.76 23.71 -4.44
CA VAL B 372 -9.35 22.69 -5.31
C VAL B 372 -8.35 22.22 -6.34
N LEU B 373 -8.03 20.93 -6.30
CA LEU B 373 -7.09 20.36 -7.25
C LEU B 373 -7.80 19.82 -8.47
N GLN B 374 -7.05 19.42 -9.48
CA GLN B 374 -7.65 18.84 -10.67
C GLN B 374 -8.08 17.42 -10.32
N PRO B 375 -9.10 16.90 -11.02
CA PRO B 375 -9.58 15.55 -10.74
C PRO B 375 -8.47 14.53 -10.96
N THR B 376 -8.62 13.33 -10.39
CA THR B 376 -7.62 12.28 -10.53
C THR B 376 -8.36 10.99 -10.81
N HIS B 377 -7.94 10.27 -11.83
CA HIS B 377 -8.62 9.01 -12.16
C HIS B 377 -8.46 7.97 -11.03
N PRO B 378 -9.58 7.42 -10.53
CA PRO B 378 -9.62 6.42 -9.45
C PRO B 378 -8.73 5.15 -9.60
N VAL B 379 -8.47 4.74 -10.83
CA VAL B 379 -7.70 3.55 -11.11
C VAL B 379 -6.27 3.81 -11.56
N TYR B 380 -5.99 4.98 -12.11
CA TYR B 380 -4.62 5.25 -12.57
C TYR B 380 -3.91 6.36 -11.84
N ASN B 381 -4.69 7.13 -11.10
CA ASN B 381 -4.19 8.27 -10.35
C ASN B 381 -3.54 9.29 -11.26
N ILE B 382 -4.17 9.56 -12.40
CA ILE B 382 -3.69 10.54 -13.37
C ILE B 382 -4.88 11.25 -13.98
N GLY B 383 -4.62 12.45 -14.47
CA GLY B 383 -5.67 13.25 -15.09
C GLY B 383 -6.81 12.41 -15.64
N PRO B 384 -8.01 12.51 -15.05
CA PRO B 384 -9.17 11.75 -15.51
C PRO B 384 -9.39 11.99 -17.00
N ASP B 385 -8.70 13.01 -17.52
CA ASP B 385 -8.77 13.35 -18.94
C ASP B 385 -7.56 12.81 -19.70
N LYS B 386 -6.38 12.90 -19.09
CA LYS B 386 -5.17 12.38 -19.72
C LYS B 386 -5.34 10.87 -19.90
N VAL B 387 -6.26 10.30 -19.14
CA VAL B 387 -6.56 8.87 -19.20
C VAL B 387 -7.40 8.59 -20.44
N ILE B 388 -8.51 9.30 -20.56
CA ILE B 388 -9.42 9.15 -21.68
C ILE B 388 -8.66 9.38 -22.99
N GLN B 389 -7.79 10.37 -22.98
CA GLN B 389 -6.99 10.69 -24.16
C GLN B 389 -6.08 9.51 -24.50
N ALA B 390 -5.27 9.12 -23.52
CA ALA B 390 -4.31 8.02 -23.63
C ALA B 390 -4.88 6.80 -24.34
N THR B 391 -5.99 6.30 -23.82
CA THR B 391 -6.65 5.13 -24.39
C THR B 391 -7.20 5.44 -25.78
N THR B 392 -7.95 6.53 -25.86
CA THR B 392 -8.55 6.96 -27.11
C THR B 392 -7.48 7.22 -28.14
N HIS B 393 -6.26 6.79 -27.83
CA HIS B 393 -5.14 6.95 -28.74
C HIS B 393 -4.68 5.57 -29.19
N PHE B 394 -4.02 4.86 -28.29
CA PHE B 394 -3.49 3.54 -28.61
C PHE B 394 -4.53 2.62 -29.25
N LEU B 395 -5.80 2.85 -28.94
CA LEU B 395 -6.88 2.04 -29.50
C LEU B 395 -6.86 2.00 -31.03
N GLN B 396 -6.51 3.12 -31.66
CA GLN B 396 -6.43 3.18 -33.10
C GLN B 396 -5.24 2.37 -33.63
N LYS B 397 -5.03 1.17 -33.07
CA LYS B 397 -3.92 0.30 -33.50
C LYS B 397 -4.15 -1.18 -33.22
P HFP C . 7.11 -3.36 6.17
O1P HFP C . 8.42 -2.81 6.50
O2P HFP C . 7.12 -4.91 6.04
O3P HFP C . 6.05 -2.95 7.21
C1 HFP C . 6.59 -2.65 4.56
O1 HFP C . 7.07 -1.29 4.45
C2 HFP C . 5.09 -2.65 4.46
C3 HFP C . 4.43 -3.18 3.43
C4 HFP C . 3.62 -4.45 3.60
C5 HFP C . 4.47 -2.53 2.06
C6 HFP C . 3.46 -1.35 1.94
C7 HFP C . 3.01 -1.17 0.50
C8 HFP C . 2.43 -0.04 0.06
C9 HFP C . 2.62 1.25 0.83
C10 HFP C . 1.57 -0.03 -1.19
C11 HFP C . 2.40 -0.17 -2.45
C12 HFP C . 1.51 0.05 -3.66
C13 HFP C . 1.98 0.06 -4.94
C14 HFP C . 3.45 -0.17 -5.22
C15 HFP C . 1.06 0.27 -6.12
C1 TIN D . 12.28 6.66 1.23
C2 TIN D . 11.28 5.94 2.19
C3 TIN D . 10.08 5.36 1.40
C4 TIN D . 9.36 6.44 0.58
C5 TIN D . 10.34 7.16 -0.39
C6 TIN D . 11.57 7.73 0.35
C17 TIN D . 9.10 4.66 2.36
C19 TIN D . 8.87 3.17 2.00
N2 TIN D . 7.58 2.71 2.59
C25 TIN D . 7.78 1.58 3.54
C26 TIN D . 7.86 2.14 4.98
C29 TIN D . 8.08 1.07 6.05
C32 TIN D . 7.82 1.61 7.46
C38 TIN D . 6.43 2.49 1.60
C40 TIN D . 6.74 1.68 0.34
C43 TIN D . 6.44 0.29 0.30
C44 TIN D . 6.75 -0.47 -0.89
C45 TIN D . 7.36 0.20 -2.00
C46 TIN D . 7.66 1.62 -1.95
C47 TIN D . 7.35 2.33 -0.77
C51 TIN D . 8.30 2.39 -3.05
C52 TIN D . 9.70 2.70 -3.01
C53 TIN D . 10.29 3.43 -4.06
C54 TIN D . 9.50 3.87 -5.18
C55 TIN D . 8.11 3.58 -5.23
C56 TIN D . 7.53 2.84 -4.17
C65 TIN D . 7.67 -0.66 -3.18
C66 TIN D . 10.04 -1.51 -4.04
O67 TIN D . 6.91 -0.71 -4.16
C68 TIN D . 11.38 -1.72 -3.37
O69 TIN D . 11.46 -1.47 -2.18
O70 TIN D . 12.33 -2.12 -4.03
N1 TIN D . 8.82 -1.43 -3.20
C74 TIN D . 10.11 -0.31 -5.02
C76 TIN D . 11.03 -0.54 -6.20
S1 TIN D . 11.10 0.88 -7.29
C82 TIN D . 12.32 0.19 -8.42
C7 TIN D . 10.73 2.22 -1.98
ZN ZN E . 3.27 6.67 3.55
#